data_5GQH
#
_entry.id   5GQH
#
_cell.length_a   1
_cell.length_b   1
_cell.length_c   1
_cell.angle_alpha   90
_cell.angle_beta   90
_cell.angle_gamma   90
#
_symmetry.space_group_name_H-M   'P 1'
#
loop_
_entity.id
_entity.type
_entity.pdbx_description
1 polymer 'CRISPR-associated nuclease/helicase Cas3 subtype I-F/YPEST'
2 polymer 'anti-CRISPR protein 3'
#
loop_
_entity_poly.entity_id
_entity_poly.type
_entity_poly.pdbx_seq_one_letter_code
_entity_poly.pdbx_strand_id
1 'polypeptide(L)'
;MGSSHHHHHHSQDPMNILLVSQCEKRALSETRRILDQFAERRGERTWQTPITQAGLDTLRRLLKKSARRNTAVACHWIRG
RDHSELLWIVGDASRFNAQGAVPTNRTCRDILRKEDENDWHSAEDIRLLTVMAALFHDIGKASQAFQAKLRNRGKPMADA
YRHEWVSLRLFEAFVGPGSSDEDWLRRLADKRETGDAWLSQLARDDRQSAPPGPFQKSRLPPLAQAVGWLIVSHHRLPNG
DHRGSASLARLPAPIQSQWCGARDADAKEKAACWQFPHGLPFASAHWRARTALCAQSMLERPGLLARGPALLHDSYVMHV
SRLILMLADHHYSSLPADSRLGDPNFPLHANTDRDSGKLKQRLDEHLLGVALHSRKLAGTLPRLERQLPRLARHKGFTRR
VEQPRFRWQDKAYDCAMACREQAMEHGFFGLNLASTGCGKTLANGRILYALADPQRGARFSIALGLRSLTLQTGQAYRER
LGLGDDDLAILVGGSAARELFEKQQERLERSGSESAQELLAENSHVHFAGTLEDGPLREWLGRNSAGNRLLQAPILACTI
DHLMPASESLRGGHQIAPLLRLMTSDLVLDEVDDFDIDDLPALSRLVHWAGLFGSRVLLSSATLPPALVQGLFEAYRSGR
EIFQRHRGAPGRATEIRCAWFDEFSSQSSAHGAVTSFSEAHATFVAQRLAKLEQLPPRRQAQLCTVHAAGEARPALCREL
AGQMNTWMADLHRCHHTEHQGRRISFGLLRLANIEPLIELAQAILAQGAPEGLHVHLCVYHSRHPLLVRSAIERQLDELL
KRSDDDAAALFARPTLAKALQASTERDHLFVVLASPVAEVGRDHDYDWAIVEPSSMRSIIQLAGRIRRHRSGFSGEANLY
LLSRNIRSLEGQNPAFQRPGFETPDFPLDSHDLHDLLDPALLARIDASPRIVEPFPLFPRSRLVDLEHRRLRALMLADDP
PSSLLGVPLWWQTPASLSGALQTSQPFRAGAKERCYALLPDEDDEERLHFSRYEEGTWSNQDNLLRNLDLTYGPRIQTWG
TVNYREELVAMAGREDLDLRQCAMRYGEVRLRENTQGWSYHPYLGFKKYN
;
A
2 'polypeptide(L)'
;MSNTISDRIVARSVIEAARFIQSWEDADPDSLTEDQVLAAAGFAARLHEGLQATVLQRLVDESNHEEYREFKAWEEALLN
ADGRVASSPFADWGWWYRIANVMLATASQNVGVTWGSRVHGRLMAIFQDKFKQRYEEQA
;
B,C
#
# COMPACT_ATOMS: atom_id res chain seq x y z
N TRP A 120 31.83 13.89 -3.90
CA TRP A 120 30.66 14.26 -3.11
C TRP A 120 30.63 15.73 -2.82
N HIS A 121 30.24 16.53 -3.80
CA HIS A 121 30.36 17.99 -3.69
C HIS A 121 29.56 18.62 -2.55
N SER A 122 28.34 18.12 -2.33
CA SER A 122 27.43 18.72 -1.36
C SER A 122 27.54 18.17 0.07
N ALA A 123 28.45 17.24 0.29
CA ALA A 123 28.51 16.51 1.56
C ALA A 123 28.81 17.35 2.81
N GLU A 124 29.74 18.30 2.70
CA GLU A 124 30.12 19.11 3.85
C GLU A 124 28.95 19.96 4.36
N ASP A 125 28.22 20.53 3.41
CA ASP A 125 27.03 21.32 3.67
C ASP A 125 25.94 20.43 4.24
N ILE A 126 25.79 19.24 3.67
CA ILE A 126 24.75 18.34 4.13
C ILE A 126 25.00 17.98 5.59
N ARG A 127 26.26 17.72 5.90
CA ARG A 127 26.64 17.34 7.25
C ARG A 127 26.34 18.47 8.22
N LEU A 128 26.65 19.69 7.82
CA LEU A 128 26.41 20.83 8.70
C LEU A 128 24.91 20.97 8.96
N LEU A 129 24.11 20.79 7.91
CA LEU A 129 22.67 20.93 8.06
C LEU A 129 22.16 19.86 9.02
N THR A 130 22.68 18.65 8.86
CA THR A 130 22.25 17.54 9.71
C THR A 130 22.58 17.83 11.15
N VAL A 131 23.78 18.36 11.38
CA VAL A 131 24.22 18.67 12.73
C VAL A 131 23.31 19.71 13.36
N MET A 132 22.71 20.64 12.62
CA MET A 132 21.72 21.54 13.31
C MET A 132 20.45 20.91 13.95
N ALA A 133 19.91 19.92 13.26
CA ALA A 133 18.55 19.43 13.50
C ALA A 133 18.25 18.86 14.90
N ALA A 134 19.18 18.09 15.45
CA ALA A 134 18.95 17.50 16.76
C ALA A 134 18.79 18.58 17.83
N LEU A 135 19.61 19.63 17.72
CA LEU A 135 19.55 20.74 18.66
C LEU A 135 18.19 21.39 18.53
N PHE A 136 17.77 21.55 17.28
CA PHE A 136 16.45 22.16 17.10
C PHE A 136 15.37 21.33 17.81
N HIS A 137 15.47 20.01 17.64
CA HIS A 137 14.50 19.09 18.23
C HIS A 137 14.45 19.15 19.75
N ASP A 138 15.61 19.21 20.39
CA ASP A 138 15.63 19.28 21.86
C ASP A 138 14.98 20.58 22.35
N ILE A 139 15.27 21.66 21.60
CA ILE A 139 14.71 22.93 22.00
C ILE A 139 13.19 22.80 21.93
N GLY A 140 12.70 22.18 20.87
CA GLY A 140 11.27 22.04 20.69
C GLY A 140 10.66 21.23 21.82
N LYS A 141 11.49 20.32 22.34
CA LYS A 141 11.14 19.43 23.45
C LYS A 141 10.84 20.09 24.81
N ALA A 142 11.37 21.27 25.03
CA ALA A 142 11.54 21.86 26.37
C ALA A 142 10.28 22.09 27.22
N SER A 143 9.17 22.48 26.62
CA SER A 143 8.01 22.95 27.39
C SER A 143 7.49 21.88 28.34
N GLN A 144 7.03 22.32 29.51
CA GLN A 144 6.75 21.42 30.61
C GLN A 144 5.64 20.39 30.38
N ALA A 145 4.53 20.79 29.80
CA ALA A 145 3.53 19.77 29.50
C ALA A 145 4.21 18.46 29.10
N PHE A 146 5.25 18.57 28.28
CA PHE A 146 5.98 17.39 27.83
C PHE A 146 6.67 16.70 29.00
N GLN A 147 7.22 17.50 29.90
CA GLN A 147 7.89 16.95 31.07
C GLN A 147 6.86 16.20 31.90
N ALA A 148 5.68 16.79 32.02
CA ALA A 148 4.61 16.19 32.80
C ALA A 148 4.19 14.87 32.19
N LYS A 149 4.13 14.83 30.86
CA LYS A 149 3.79 13.61 30.15
C LYS A 149 4.83 12.52 30.37
N LEU A 150 6.10 12.90 30.36
CA LEU A 150 7.17 11.94 30.62
C LEU A 150 7.02 11.40 32.03
N ARG A 151 6.65 12.30 32.94
CA ARG A 151 6.44 11.98 34.34
C ARG A 151 5.28 11.01 34.54
N ASN A 152 4.22 11.23 33.76
CA ASN A 152 2.89 10.68 34.02
C ASN A 152 2.68 9.17 34.01
N ARG A 153 3.29 8.51 33.03
CA ARG A 153 3.09 7.07 32.88
C ARG A 153 1.69 6.79 32.35
N GLY A 154 0.69 7.21 33.12
CA GLY A 154 -0.70 7.08 32.72
C GLY A 154 -1.59 8.06 33.46
N LYS A 155 -2.78 8.35 32.93
CA LYS A 155 -3.18 7.94 31.59
C LYS A 155 -2.44 8.78 30.57
N PRO A 156 -2.30 8.27 29.35
CA PRO A 156 -1.52 9.00 28.34
C PRO A 156 -2.13 10.36 28.02
N MET A 157 -1.27 11.37 27.98
CA MET A 157 -1.66 12.74 27.65
C MET A 157 -1.79 12.96 26.16
N ALA A 158 -2.59 13.95 25.77
CA ALA A 158 -2.61 14.41 24.39
C ALA A 158 -1.29 15.12 24.13
N ASP A 159 -0.83 15.04 22.88
CA ASP A 159 0.48 15.56 22.43
C ASP A 159 1.48 16.06 23.51
N ALA A 160 1.41 17.31 23.97
CA ALA A 160 0.62 18.40 23.40
C ALA A 160 1.33 19.03 22.20
N TYR A 161 0.53 19.62 21.33
CA TYR A 161 1.03 20.09 20.03
C TYR A 161 2.39 19.45 19.82
N ARG A 162 2.61 18.86 18.65
CA ARG A 162 3.79 18.04 18.45
C ARG A 162 5.05 18.66 19.06
N HIS A 163 5.89 17.81 19.63
CA HIS A 163 7.13 18.25 20.25
C HIS A 163 8.04 18.88 19.19
N GLU A 164 8.06 18.28 18.01
CA GLU A 164 8.87 18.81 16.92
C GLU A 164 8.40 20.20 16.55
N TRP A 165 7.08 20.39 16.51
CA TRP A 165 6.52 21.70 16.20
C TRP A 165 6.91 22.73 17.26
N VAL A 166 6.87 22.32 18.52
CA VAL A 166 7.26 23.24 19.59
C VAL A 166 8.73 23.62 19.43
N SER A 167 9.55 22.64 19.08
CA SER A 167 10.98 22.88 18.88
C SER A 167 11.20 23.86 17.73
N LEU A 168 10.41 23.71 16.67
CA LEU A 168 10.49 24.60 15.52
C LEU A 168 10.13 26.02 15.94
N ARG A 169 9.10 26.15 16.77
CA ARG A 169 8.70 27.46 17.25
C ARG A 169 9.83 28.09 18.08
N LEU A 170 10.47 27.27 18.89
CA LEU A 170 11.60 27.73 19.70
C LEU A 170 12.75 28.22 18.81
N PHE A 171 13.00 27.47 17.73
CA PHE A 171 14.05 27.84 16.78
C PHE A 171 13.72 29.17 16.14
N GLU A 172 12.45 29.32 15.75
CA GLU A 172 11.97 30.54 15.12
C GLU A 172 12.04 31.75 16.04
N ALA A 173 11.70 31.53 17.30
CA ALA A 173 11.58 32.62 18.27
C ALA A 173 12.89 33.37 18.51
N PHE A 174 14.00 32.64 18.61
CA PHE A 174 15.28 33.28 18.89
C PHE A 174 15.68 34.24 17.79
N VAL A 175 15.70 33.71 16.57
CA VAL A 175 16.17 34.39 15.37
C VAL A 175 15.36 35.59 14.87
N GLY A 176 14.04 35.46 14.93
CA GLY A 176 13.15 36.34 14.19
C GLY A 176 12.16 37.18 14.99
N PRO A 177 11.70 38.29 14.41
CA PRO A 177 11.99 38.67 13.02
C PRO A 177 12.37 40.14 12.88
N GLY A 178 13.14 40.49 11.85
CA GLY A 178 13.64 39.54 10.87
C GLY A 178 15.15 39.57 10.81
N SER A 179 15.78 38.39 10.80
CA SER A 179 17.24 38.32 10.85
C SER A 179 17.91 37.68 9.64
N SER A 180 18.91 38.38 9.11
CA SER A 180 19.81 37.87 8.09
C SER A 180 20.51 36.62 8.59
N ASP A 181 20.71 35.64 7.70
CA ASP A 181 21.33 34.39 8.09
C ASP A 181 22.60 34.63 8.90
N GLU A 182 23.40 35.59 8.46
CA GLU A 182 24.68 35.88 9.09
C GLU A 182 24.54 36.36 10.53
N ASP A 183 23.57 37.23 10.79
CA ASP A 183 23.37 37.75 12.13
C ASP A 183 22.99 36.65 13.11
N TRP A 184 22.11 35.76 12.69
CA TRP A 184 21.67 34.66 13.54
C TRP A 184 22.84 33.74 13.86
N LEU A 185 23.66 33.46 12.84
CA LEU A 185 24.82 32.61 13.02
C LEU A 185 25.79 33.25 13.99
N ARG A 186 25.95 34.57 13.86
CA ARG A 186 26.84 35.31 14.74
C ARG A 186 26.36 35.22 16.18
N ARG A 187 25.05 35.34 16.39
CA ARG A 187 24.50 35.22 17.73
C ARG A 187 24.74 33.83 18.27
N LEU A 188 24.54 32.82 17.42
CA LEU A 188 24.77 31.43 17.78
C LEU A 188 26.24 31.15 18.06
N ALA A 189 27.11 31.73 17.25
CA ALA A 189 28.55 31.41 17.29
C ALA A 189 29.22 32.06 18.50
N ASP A 190 28.65 33.16 18.99
CA ASP A 190 29.22 33.87 20.13
C ASP A 190 28.71 33.31 21.46
N LYS A 191 29.65 32.91 22.31
CA LYS A 191 29.35 32.24 23.57
C LYS A 191 28.56 33.06 24.59
N ARG A 192 28.90 34.34 24.72
CA ARG A 192 28.40 35.14 25.83
C ARG A 192 26.89 35.30 25.87
N GLU A 193 26.28 35.50 24.70
CA GLU A 193 24.84 35.70 24.64
C GLU A 193 24.05 34.43 24.96
N THR A 194 22.94 34.58 25.69
CA THR A 194 22.62 35.78 26.43
C THR A 194 22.02 35.42 27.78
N GLY A 195 20.80 34.90 27.73
CA GLY A 195 20.11 34.77 26.45
C GLY A 195 18.66 35.29 26.48
N ASP A 196 18.45 36.35 27.24
CA ASP A 196 17.11 36.78 27.65
C ASP A 196 16.13 37.17 26.53
N ALA A 197 16.60 37.93 25.54
CA ALA A 197 15.69 38.36 24.47
C ALA A 197 15.17 37.17 23.67
N TRP A 198 16.08 36.25 23.38
CA TRP A 198 15.70 35.05 22.65
C TRP A 198 14.71 34.26 23.49
N LEU A 199 14.98 34.17 24.79
CA LEU A 199 14.08 33.39 25.65
C LEU A 199 12.69 34.01 25.60
N SER A 200 12.67 35.34 25.60
CA SER A 200 11.45 36.15 25.53
C SER A 200 10.60 36.04 24.26
N GLN A 201 11.27 35.96 23.12
CA GLN A 201 10.70 36.29 21.81
C GLN A 201 9.53 35.46 21.27
N LEU A 202 9.56 34.15 21.47
CA LEU A 202 8.65 33.27 20.74
C LEU A 202 7.17 33.55 21.00
N ALA A 203 6.41 33.57 19.91
CA ALA A 203 4.98 33.87 19.94
C ALA A 203 4.15 32.73 20.50
N ARG A 204 2.98 33.06 21.05
CA ARG A 204 2.05 32.04 21.51
C ARG A 204 0.76 32.10 20.70
N ASP A 205 0.37 30.98 20.11
CA ASP A 205 -0.85 30.92 19.32
C ASP A 205 -2.08 31.22 20.17
N ASP A 206 -2.09 30.64 21.36
CA ASP A 206 -3.18 30.86 22.30
C ASP A 206 -3.08 32.25 22.92
N ARG A 207 -4.17 32.72 23.53
CA ARG A 207 -4.17 34.01 24.21
C ARG A 207 -3.77 35.19 23.32
N GLN A 208 -4.37 35.31 22.14
CA GLN A 208 -5.45 34.43 21.69
C GLN A 208 -5.61 34.41 20.18
N SER A 209 -6.28 33.38 19.68
CA SER A 209 -6.59 33.25 18.27
C SER A 209 -5.33 33.22 17.38
N ALA A 210 -5.37 33.99 16.30
CA ALA A 210 -4.31 33.97 15.29
C ALA A 210 -2.98 34.50 15.77
N PRO A 211 -1.91 33.87 15.30
CA PRO A 211 -0.54 34.37 15.44
C PRO A 211 0.15 34.15 14.10
N PRO A 212 1.14 34.96 13.75
CA PRO A 212 1.74 34.81 12.42
C PRO A 212 2.32 33.41 12.29
N GLY A 213 2.07 32.75 11.17
CA GLY A 213 2.61 31.42 10.95
C GLY A 213 4.11 31.49 10.80
N PRO A 214 4.83 30.56 11.43
CA PRO A 214 6.28 30.61 11.35
C PRO A 214 6.72 30.29 9.93
N PHE A 215 7.58 31.13 9.38
CA PHE A 215 8.11 30.93 8.05
C PHE A 215 7.07 31.38 7.02
N GLN A 216 5.94 31.89 7.50
CA GLN A 216 4.86 32.27 6.59
C GLN A 216 5.28 33.40 5.66
N LYS A 217 5.89 34.44 6.23
CA LYS A 217 6.51 35.49 5.45
C LYS A 217 7.50 36.26 6.31
N SER A 218 8.55 36.78 5.69
CA SER A 218 9.43 37.72 6.36
C SER A 218 9.91 37.14 7.67
N ARG A 219 10.19 35.83 7.69
CA ARG A 219 10.59 35.18 8.92
C ARG A 219 12.10 34.93 8.94
N LEU A 220 12.49 33.67 8.92
CA LEU A 220 13.90 33.30 8.94
C LEU A 220 14.57 33.57 7.60
N PRO A 221 15.89 33.69 7.62
CA PRO A 221 16.66 33.62 6.39
C PRO A 221 16.43 32.21 5.88
N PRO A 222 16.46 31.99 4.57
CA PRO A 222 15.93 30.73 4.05
C PRO A 222 16.65 29.52 4.61
N LEU A 223 17.98 29.57 4.70
CA LEU A 223 18.73 28.48 5.33
C LEU A 223 18.08 28.10 6.66
N ALA A 224 17.64 29.11 7.41
CA ALA A 224 16.99 28.89 8.68
C ALA A 224 15.68 28.13 8.50
N GLN A 225 14.94 28.48 7.44
CA GLN A 225 13.69 27.83 7.12
C GLN A 225 13.94 26.37 6.78
N ALA A 226 15.01 26.11 6.05
CA ALA A 226 15.37 24.74 5.69
C ALA A 226 15.68 23.96 6.95
N VAL A 227 16.39 24.59 7.88
CA VAL A 227 16.73 23.94 9.13
C VAL A 227 15.47 23.61 9.92
N GLY A 228 14.52 24.55 9.91
CA GLY A 228 13.25 24.35 10.60
C GLY A 228 12.49 23.19 10.00
N TRP A 229 12.50 23.11 8.67
CA TRP A 229 11.82 22.03 7.98
C TRP A 229 12.45 20.70 8.36
N LEU A 230 13.77 20.70 8.46
CA LEU A 230 14.50 19.50 8.83
C LEU A 230 14.11 19.07 10.24
N ILE A 231 14.09 20.06 11.13
CA ILE A 231 13.54 19.95 12.47
C ILE A 231 12.02 19.73 12.48
N VAL A 232 11.32 20.47 11.64
CA VAL A 232 9.88 20.34 11.56
C VAL A 232 9.55 18.94 11.09
N SER A 233 10.37 18.44 10.19
CA SER A 233 10.15 17.17 9.50
C SER A 233 10.09 15.89 10.34
N HIS A 234 10.93 15.80 11.37
CA HIS A 234 11.25 14.50 11.96
C HIS A 234 10.04 13.73 12.49
N HIS A 235 9.10 14.41 13.16
CA HIS A 235 7.91 13.73 13.64
C HIS A 235 7.06 13.20 12.48
N ARG A 236 6.88 14.03 11.47
CA ARG A 236 6.19 13.62 10.26
C ARG A 236 6.51 14.58 9.12
N LEU A 237 6.31 14.16 7.88
CA LEU A 237 6.38 15.10 6.78
C LEU A 237 5.17 16.01 6.91
N PRO A 238 5.29 17.27 6.50
CA PRO A 238 4.20 18.23 6.65
C PRO A 238 2.96 17.86 5.84
N ASN A 239 1.80 18.09 6.44
CA ASN A 239 0.50 17.86 5.81
C ASN A 239 -0.31 19.14 5.67
N GLY A 240 -0.90 19.36 4.50
CA GLY A 240 -1.70 20.56 4.27
C GLY A 240 -3.07 20.28 3.68
N ASP A 241 -4.10 20.89 4.27
CA ASP A 241 -5.46 20.75 3.75
C ASP A 241 -5.56 21.35 2.35
N HIS A 242 -4.91 22.48 2.12
CA HIS A 242 -4.94 23.10 0.80
C HIS A 242 -4.27 22.22 -0.26
N ARG A 243 -4.97 22.01 -1.37
CA ARG A 243 -4.48 21.17 -2.45
C ARG A 243 -3.98 21.98 -3.65
N GLY A 244 -3.92 23.30 -3.49
CA GLY A 244 -3.59 24.17 -4.61
C GLY A 244 -2.21 23.93 -5.17
N SER A 245 -2.11 23.94 -6.50
CA SER A 245 -0.85 23.71 -7.18
C SER A 245 0.18 24.80 -6.87
N ALA A 246 -0.29 26.04 -6.83
CA ALA A 246 0.60 27.17 -6.57
C ALA A 246 1.22 27.08 -5.19
N SER A 247 0.43 26.67 -4.21
CA SER A 247 0.91 26.53 -2.84
C SER A 247 2.01 25.48 -2.74
N LEU A 248 1.82 24.36 -3.45
CA LEU A 248 2.77 23.27 -3.42
C LEU A 248 4.14 23.68 -3.97
N ALA A 249 4.13 24.45 -5.05
CA ALA A 249 5.36 24.89 -5.68
C ALA A 249 6.19 25.78 -4.75
N ARG A 250 5.50 26.68 -4.04
CA ARG A 250 6.16 27.61 -3.13
C ARG A 250 6.88 26.91 -1.99
N LEU A 251 6.26 25.84 -1.49
CA LEU A 251 6.76 25.15 -0.31
C LEU A 251 8.24 25.48 -0.13
N PRO A 252 8.64 25.78 1.10
CA PRO A 252 7.89 25.42 2.32
C PRO A 252 7.04 26.54 2.93
N ALA A 253 6.80 27.62 2.20
CA ALA A 253 6.19 28.81 2.80
C ALA A 253 4.80 28.58 3.41
N PRO A 254 3.94 27.80 2.74
CA PRO A 254 2.61 27.51 3.28
C PRO A 254 2.50 26.74 4.61
N ILE A 255 3.57 26.02 5.01
CA ILE A 255 3.51 25.13 6.18
C ILE A 255 3.14 25.90 7.45
N GLN A 256 2.02 25.53 8.07
CA GLN A 256 1.56 26.20 9.27
C GLN A 256 1.12 25.20 10.35
N SER A 257 0.02 25.49 11.04
CA SER A 257 -0.48 24.62 12.10
C SER A 257 -0.88 23.25 11.54
N GLN A 258 -1.48 23.25 10.36
CA GLN A 258 -1.92 22.01 9.73
C GLN A 258 -0.73 21.10 9.43
N TRP A 259 0.37 21.69 8.98
CA TRP A 259 1.57 20.93 8.65
C TRP A 259 2.11 20.24 9.90
N CYS A 260 2.07 20.93 11.03
CA CYS A 260 2.53 20.37 12.29
C CYS A 260 1.69 19.16 12.68
N GLY A 261 0.38 19.26 12.45
CA GLY A 261 -0.53 18.18 12.77
C GLY A 261 -0.94 18.17 14.24
N ALA A 262 -0.51 19.20 14.96
CA ALA A 262 -0.84 19.32 16.38
C ALA A 262 -2.31 19.00 16.64
N ALA A 267 -3.40 25.98 22.66
CA ALA A 267 -4.48 25.86 23.63
C ALA A 267 -3.95 26.13 25.03
N LYS A 268 -4.84 26.08 26.02
CA LYS A 268 -4.45 26.32 27.40
C LYS A 268 -3.43 25.26 27.79
N GLU A 269 -3.67 24.05 27.31
CA GLU A 269 -2.76 22.95 27.55
C GLU A 269 -1.43 23.32 26.92
N LYS A 270 -1.48 23.95 25.74
CA LYS A 270 -0.27 24.36 25.04
C LYS A 270 0.56 25.37 25.84
N ALA A 271 -0.14 26.32 26.45
CA ALA A 271 0.48 27.32 27.30
C ALA A 271 1.12 26.66 28.49
N ALA A 272 0.43 25.67 29.04
CA ALA A 272 0.96 24.92 30.17
C ALA A 272 2.24 24.19 29.76
N CYS A 273 2.23 23.65 28.54
CA CYS A 273 3.39 22.97 27.98
C CYS A 273 4.57 23.92 27.84
N TRP A 274 4.28 25.14 27.41
CA TRP A 274 5.27 26.20 27.29
C TRP A 274 5.86 26.58 28.64
N GLN A 275 5.00 26.59 29.66
CA GLN A 275 5.34 27.06 30.99
C GLN A 275 6.03 26.06 31.93
N PHE A 276 5.28 25.09 32.45
CA PHE A 276 5.71 24.34 33.61
C PHE A 276 7.23 24.37 33.65
N PRO A 277 7.87 24.63 32.51
CA PRO A 277 9.30 24.95 32.48
C PRO A 277 10.11 23.77 33.03
N HIS A 278 11.29 23.95 33.64
CA HIS A 278 12.03 25.21 33.70
C HIS A 278 13.46 25.07 33.22
N GLY A 279 13.90 26.02 32.40
CA GLY A 279 15.28 26.07 31.94
C GLY A 279 15.47 25.51 30.55
N LEU A 280 15.63 26.41 29.58
CA LEU A 280 15.88 26.05 28.19
C LEU A 280 17.36 25.73 27.92
N PRO A 281 17.61 25.13 26.76
CA PRO A 281 18.97 24.95 26.29
C PRO A 281 19.51 26.33 25.97
N PHE A 282 20.84 26.48 25.95
CA PHE A 282 21.53 27.78 25.86
C PHE A 282 21.77 28.31 27.26
N ALA A 283 21.27 27.56 28.23
CA ALA A 283 21.76 27.53 29.60
C ALA A 283 22.87 26.49 29.78
N SER A 284 22.70 25.34 29.15
CA SER A 284 23.70 24.27 29.28
C SER A 284 25.03 24.70 28.68
N ALA A 285 26.11 24.40 29.40
CA ALA A 285 27.46 24.76 28.96
C ALA A 285 27.91 24.07 27.67
N HIS A 286 27.57 22.79 27.55
CA HIS A 286 28.09 21.97 26.47
C HIS A 286 27.27 22.19 25.21
N TRP A 287 25.95 22.24 25.36
CA TRP A 287 25.06 22.45 24.24
C TRP A 287 25.33 23.80 23.60
N ARG A 288 25.51 24.84 24.43
CA ARG A 288 25.71 26.18 23.88
C ARG A 288 27.00 26.28 23.06
N ALA A 289 28.07 25.70 23.56
CA ALA A 289 29.37 25.77 22.91
C ALA A 289 29.35 25.11 21.53
N ARG A 290 28.70 23.95 21.45
CA ARG A 290 28.62 23.24 20.19
C ARG A 290 27.86 24.07 19.17
N THR A 291 26.78 24.70 19.61
CA THR A 291 25.99 25.53 18.72
C THR A 291 26.82 26.71 18.22
N ALA A 292 27.60 27.30 19.12
CA ALA A 292 28.44 28.43 18.73
C ALA A 292 29.46 27.98 17.69
N LEU A 293 30.04 26.81 17.90
CA LEU A 293 31.03 26.28 16.97
C LEU A 293 30.39 26.06 15.61
N CYS A 294 29.18 25.53 15.61
CA CYS A 294 28.47 25.27 14.37
C CYS A 294 28.21 26.57 13.63
N ALA A 295 27.82 27.60 14.37
CA ALA A 295 27.57 28.90 13.77
C ALA A 295 28.84 29.45 13.13
N GLN A 296 29.96 29.30 13.83
CA GLN A 296 31.23 29.77 13.32
C GLN A 296 31.58 29.04 12.03
N SER A 297 31.35 27.74 12.02
CA SER A 297 31.64 26.92 10.85
C SER A 297 30.80 27.38 9.68
N MET A 298 29.53 27.67 9.95
CA MET A 298 28.61 28.11 8.92
C MET A 298 29.08 29.44 8.34
N LEU A 299 29.55 30.33 9.20
CA LEU A 299 30.06 31.61 8.74
C LEU A 299 31.30 31.43 7.85
N GLU A 300 32.18 30.53 8.26
CA GLU A 300 33.43 30.28 7.54
C GLU A 300 33.26 29.72 6.12
N ARG A 301 32.32 28.80 5.96
CA ARG A 301 32.21 27.95 4.79
C ARG A 301 31.90 28.81 3.57
N PRO A 302 32.89 28.95 2.66
CA PRO A 302 32.75 29.91 1.56
C PRO A 302 31.46 29.69 0.78
N GLY A 303 30.65 30.75 0.68
CA GLY A 303 29.49 30.78 -0.19
C GLY A 303 28.25 30.06 0.31
N LEU A 304 28.44 29.35 1.42
CA LEU A 304 27.49 28.39 1.95
C LEU A 304 26.14 28.93 2.41
N LEU A 305 26.12 30.06 3.12
CA LEU A 305 24.85 30.55 3.64
C LEU A 305 23.83 30.95 2.57
N ALA A 306 24.26 31.76 1.60
CA ALA A 306 23.36 32.24 0.56
C ALA A 306 22.88 31.09 -0.31
N ARG A 307 23.84 30.23 -0.65
CA ARG A 307 23.56 29.09 -1.50
C ARG A 307 22.58 28.21 -0.77
N GLY A 308 22.80 28.02 0.53
CA GLY A 308 21.97 27.15 1.31
C GLY A 308 20.55 27.67 1.37
N PRO A 309 20.44 28.98 1.53
CA PRO A 309 19.13 29.62 1.60
C PRO A 309 18.38 29.42 0.29
N ALA A 310 19.07 29.59 -0.83
CA ALA A 310 18.39 29.35 -2.10
C ALA A 310 18.00 27.87 -2.26
N LEU A 311 18.94 27.01 -1.89
CA LEU A 311 18.86 25.57 -2.09
C LEU A 311 17.80 24.81 -1.31
N LEU A 312 17.63 25.13 -0.03
CA LEU A 312 16.76 24.29 0.79
C LEU A 312 15.75 23.51 -0.04
N HIS A 313 15.24 24.13 -1.10
CA HIS A 313 14.22 23.49 -1.93
C HIS A 313 14.71 22.21 -2.60
N ASP A 314 15.97 22.16 -2.98
CA ASP A 314 16.41 21.05 -3.83
C ASP A 314 16.05 19.73 -3.17
N SER A 315 15.41 18.87 -3.96
CA SER A 315 14.82 17.65 -3.45
C SER A 315 15.88 16.71 -2.90
N TYR A 316 16.99 16.57 -3.60
CA TYR A 316 18.01 15.64 -3.15
C TYR A 316 18.53 16.08 -1.79
N VAL A 317 18.79 17.36 -1.65
CA VAL A 317 19.32 17.88 -0.40
C VAL A 317 18.32 17.68 0.72
N MET A 318 17.05 17.96 0.43
CA MET A 318 16.04 17.83 1.47
C MET A 318 15.96 16.38 1.93
N HIS A 319 16.00 15.47 0.96
CA HIS A 319 15.86 14.06 1.25
C HIS A 319 17.04 13.61 2.10
N VAL A 320 18.23 14.08 1.74
CA VAL A 320 19.42 13.68 2.46
C VAL A 320 19.31 14.15 3.90
N SER A 321 18.86 15.39 4.09
CA SER A 321 18.77 15.91 5.44
C SER A 321 17.78 15.09 6.25
N ARG A 322 16.65 14.77 5.65
CA ARG A 322 15.61 14.04 6.36
C ARG A 322 16.15 12.66 6.75
N LEU A 323 16.86 12.04 5.82
CA LEU A 323 17.37 10.70 6.05
C LEU A 323 18.37 10.73 7.19
N ILE A 324 19.22 11.76 7.19
CA ILE A 324 20.24 11.85 8.22
C ILE A 324 19.57 12.00 9.57
N LEU A 325 18.54 12.85 9.62
CA LEU A 325 17.87 13.08 10.89
C LEU A 325 17.25 11.79 11.39
N MET A 326 16.57 11.02 10.55
CA MET A 326 15.88 9.86 11.14
C MET A 326 16.81 8.85 11.82
N LEU A 327 17.92 8.53 11.16
CA LEU A 327 18.85 7.52 11.66
C LEU A 327 19.51 7.91 12.99
N ALA A 328 19.93 9.17 13.08
CA ALA A 328 20.59 9.65 14.29
C ALA A 328 19.64 9.58 15.47
N ASP A 329 18.39 9.98 15.23
CA ASP A 329 17.39 9.96 16.28
C ASP A 329 17.18 8.52 16.73
N HIS A 330 17.12 7.60 15.77
CA HIS A 330 16.90 6.21 16.13
C HIS A 330 18.05 5.69 17.00
N HIS A 331 19.28 6.05 16.62
CA HIS A 331 20.45 5.60 17.37
C HIS A 331 20.44 6.16 18.80
N TYR A 332 20.06 7.43 18.92
CA TYR A 332 20.01 8.06 20.22
C TYR A 332 18.99 7.35 21.09
N SER A 333 17.84 7.03 20.49
CA SER A 333 16.78 6.37 21.23
C SER A 333 17.27 5.02 21.72
N SER A 334 18.01 4.33 20.86
CA SER A 334 18.58 3.03 21.23
C SER A 334 19.60 3.09 22.38
N LEU A 335 20.47 4.09 22.39
CA LEU A 335 21.54 4.13 23.40
C LEU A 335 21.11 4.43 24.85
N PRO A 336 21.79 3.85 25.84
CA PRO A 336 21.60 4.28 27.23
C PRO A 336 22.14 5.68 27.53
N PRO A 344 25.55 17.53 33.88
CA PRO A 344 25.06 16.42 34.72
C PRO A 344 23.81 16.81 35.50
N ASN A 345 23.65 18.10 35.74
CA ASN A 345 22.59 18.66 36.55
C ASN A 345 21.28 18.83 35.78
N PHE A 346 21.35 18.71 34.45
CA PHE A 346 20.28 19.16 33.56
C PHE A 346 18.91 18.58 33.89
N PRO A 347 17.91 19.48 34.00
CA PRO A 347 16.48 19.18 34.07
C PRO A 347 15.68 18.58 32.88
N LEU A 348 15.85 19.00 31.63
CA LEU A 348 14.94 18.54 30.55
C LEU A 348 15.14 17.08 30.12
N HIS A 349 14.11 16.39 29.62
CA HIS A 349 14.27 14.96 29.32
C HIS A 349 13.38 14.17 28.31
N ALA A 350 13.95 13.04 27.87
CA ALA A 350 13.35 12.13 26.91
C ALA A 350 12.35 11.17 27.56
N ASN A 351 11.52 10.54 26.72
CA ASN A 351 10.44 9.68 27.17
C ASN A 351 10.90 8.36 27.81
N THR A 352 10.18 7.94 28.86
CA THR A 352 10.40 6.65 29.49
C THR A 352 9.08 6.04 29.94
N ASP A 353 9.05 4.70 30.02
CA ASP A 353 7.93 3.87 30.49
C ASP A 353 7.83 2.57 29.69
N ARG A 354 8.06 2.64 28.38
CA ARG A 354 8.04 1.44 27.54
C ARG A 354 9.15 0.50 27.99
N ASP A 355 10.30 1.10 28.30
CA ASP A 355 11.45 0.38 28.78
C ASP A 355 11.85 1.12 30.04
N SER A 356 12.10 0.38 31.11
CA SER A 356 12.05 0.80 32.52
C SER A 356 11.25 2.06 32.93
N GLY A 357 10.49 1.92 34.00
CA GLY A 357 9.59 2.96 34.46
C GLY A 357 10.31 4.23 34.90
N LYS A 358 9.65 5.36 34.70
CA LYS A 358 10.19 6.70 34.93
C LYS A 358 10.95 7.15 33.68
N LEU A 359 11.50 8.37 33.71
CA LEU A 359 12.15 8.89 32.52
C LEU A 359 13.66 8.73 32.60
N LYS A 360 14.29 8.42 31.47
CA LYS A 360 15.72 8.15 31.46
C LYS A 360 16.47 9.13 30.55
N GLN A 361 17.53 9.71 31.09
CA GLN A 361 18.38 10.62 30.34
C GLN A 361 17.82 12.04 30.32
N ARG A 362 18.56 12.93 29.67
CA ARG A 362 18.20 14.33 29.58
C ARG A 362 18.24 14.75 28.13
N LEU A 363 17.40 15.71 27.77
CA LEU A 363 17.23 16.06 26.38
C LEU A 363 18.52 16.57 25.77
N ASP A 364 19.27 17.36 26.54
CA ASP A 364 20.47 18.00 26.03
C ASP A 364 21.50 16.95 25.61
N GLU A 365 21.61 15.91 26.44
CA GLU A 365 22.50 14.82 26.13
C GLU A 365 22.02 14.24 24.83
N HIS A 366 20.70 14.17 24.68
CA HIS A 366 20.10 13.65 23.46
C HIS A 366 20.50 14.50 22.27
N LEU A 367 20.51 15.81 22.46
CA LEU A 367 20.87 16.69 21.36
C LEU A 367 22.31 16.43 20.95
N LEU A 368 23.18 16.27 21.94
CA LEU A 368 24.58 16.04 21.65
C LEU A 368 24.75 14.74 20.89
N GLY A 369 23.99 13.72 21.31
CA GLY A 369 24.06 12.42 20.69
C GLY A 369 23.61 12.49 19.24
N VAL A 370 22.56 13.26 19.02
CA VAL A 370 22.02 13.41 17.68
C VAL A 370 23.08 14.06 16.81
N ALA A 371 23.76 15.06 17.34
CA ALA A 371 24.79 15.75 16.57
C ALA A 371 25.91 14.78 16.22
N LEU A 372 26.27 13.95 17.19
CA LEU A 372 27.35 13.00 16.98
C LEU A 372 26.97 12.03 15.88
N HIS A 373 25.72 11.57 15.91
CA HIS A 373 25.24 10.62 14.91
C HIS A 373 25.26 11.26 13.53
N SER A 374 24.85 12.52 13.49
CA SER A 374 24.75 13.26 12.25
C SER A 374 26.12 13.33 11.62
N ARG A 375 27.13 13.52 12.47
CA ARG A 375 28.48 13.60 11.94
C ARG A 375 28.84 12.28 11.23
N LYS A 376 28.38 11.18 11.81
CA LYS A 376 28.78 9.83 11.47
C LYS A 376 28.02 9.36 10.24
N LEU A 377 26.74 9.73 10.15
CA LEU A 377 25.92 9.32 9.02
C LEU A 377 26.47 9.88 7.72
N ALA A 378 26.89 11.15 7.75
CA ALA A 378 27.43 11.76 6.55
C ALA A 378 28.70 11.02 6.15
N GLY A 379 29.52 10.70 7.15
CA GLY A 379 30.74 10.00 6.84
C GLY A 379 30.46 8.66 6.18
N THR A 380 29.47 7.94 6.71
CA THR A 380 29.09 6.65 6.17
C THR A 380 28.56 6.72 4.73
N LEU A 381 27.77 7.76 4.46
CA LEU A 381 27.24 7.92 3.12
C LEU A 381 28.43 8.08 2.20
N PRO A 382 29.38 8.92 2.60
CA PRO A 382 30.52 9.19 1.72
C PRO A 382 31.26 7.89 1.48
N ARG A 383 31.36 7.09 2.53
CA ARG A 383 32.01 5.79 2.53
C ARG A 383 31.44 4.65 1.64
N LEU A 384 30.12 4.55 1.48
CA LEU A 384 29.52 3.25 1.12
C LEU A 384 29.94 2.46 -0.16
N GLU A 385 30.12 3.14 -1.29
CA GLU A 385 30.44 2.57 -2.61
C GLU A 385 31.62 1.62 -2.52
N ARG A 386 32.62 2.00 -1.74
CA ARG A 386 33.82 1.20 -1.59
C ARG A 386 33.68 0.11 -0.50
N GLN A 387 33.02 0.54 0.57
CA GLN A 387 32.64 -0.25 1.74
C GLN A 387 31.51 -1.27 1.57
N LEU A 388 30.47 -0.85 0.86
CA LEU A 388 29.20 -1.57 0.84
C LEU A 388 29.32 -2.97 0.25
N PRO A 389 28.58 -3.91 0.83
CA PRO A 389 28.61 -5.28 0.33
C PRO A 389 28.09 -5.32 -1.10
N ARG A 390 28.79 -6.04 -1.97
CA ARG A 390 28.41 -6.11 -3.36
C ARG A 390 28.53 -7.53 -3.89
N LEU A 391 27.70 -7.86 -4.87
CA LEU A 391 27.81 -9.16 -5.53
C LEU A 391 28.36 -8.88 -6.92
N ALA A 392 29.45 -9.54 -7.26
CA ALA A 392 30.14 -9.22 -8.51
C ALA A 392 30.73 -10.41 -9.23
N ARG A 393 30.94 -10.25 -10.53
CA ARG A 393 31.69 -11.18 -11.34
C ARG A 393 31.16 -12.61 -11.28
N HIS A 394 29.84 -12.76 -11.28
CA HIS A 394 29.26 -14.09 -11.28
C HIS A 394 29.65 -14.74 -12.60
N LYS A 395 30.00 -16.03 -12.56
CA LYS A 395 30.48 -16.68 -13.76
C LYS A 395 29.40 -16.76 -14.85
N GLY A 396 28.18 -17.11 -14.44
CA GLY A 396 27.09 -17.27 -15.39
C GLY A 396 26.62 -16.05 -16.15
N PHE A 397 26.49 -14.93 -15.45
CA PHE A 397 25.95 -13.72 -16.08
C PHE A 397 26.84 -13.19 -17.21
N THR A 398 28.14 -13.16 -16.96
CA THR A 398 29.10 -12.69 -17.94
C THR A 398 29.15 -13.57 -19.19
N ARG A 399 29.09 -14.88 -18.96
CA ARG A 399 29.23 -15.84 -20.05
C ARG A 399 28.09 -15.73 -21.04
N ARG A 400 28.41 -15.85 -22.32
CA ARG A 400 27.42 -15.83 -23.37
C ARG A 400 26.59 -17.10 -23.25
N VAL A 401 25.34 -17.07 -23.70
CA VAL A 401 24.49 -18.24 -23.57
C VAL A 401 24.47 -19.05 -24.87
N GLU A 402 25.00 -20.26 -24.79
CA GLU A 402 25.02 -21.19 -25.91
C GLU A 402 23.62 -21.61 -26.32
N GLN A 403 22.76 -21.83 -25.34
CA GLN A 403 21.46 -22.45 -25.56
C GLN A 403 20.55 -21.64 -26.47
N PRO A 404 19.78 -22.36 -27.29
CA PRO A 404 18.92 -21.74 -28.29
C PRO A 404 17.81 -20.89 -27.70
N ARG A 405 17.52 -19.78 -28.37
CA ARG A 405 16.43 -18.89 -27.98
C ARG A 405 16.88 -17.96 -26.87
N PHE A 406 18.18 -17.92 -26.60
CA PHE A 406 18.78 -16.92 -25.69
C PHE A 406 19.42 -15.69 -26.38
N ARG A 407 19.19 -15.56 -27.70
CA ARG A 407 19.88 -14.56 -28.50
C ARG A 407 19.64 -13.12 -28.07
N TRP A 408 18.41 -12.79 -27.74
CA TRP A 408 18.07 -11.41 -27.39
C TRP A 408 18.85 -10.96 -26.17
N GLN A 409 18.93 -11.83 -25.17
CA GLN A 409 19.64 -11.50 -23.95
C GLN A 409 21.11 -11.26 -24.26
N ASP A 410 21.69 -12.09 -25.11
CA ASP A 410 23.09 -11.94 -25.46
C ASP A 410 23.33 -10.61 -26.16
N LYS A 411 22.43 -10.25 -27.08
CA LYS A 411 22.59 -9.00 -27.80
C LYS A 411 22.51 -7.85 -26.81
N ALA A 412 21.58 -7.95 -25.88
CA ALA A 412 21.40 -6.89 -24.91
C ALA A 412 22.65 -6.73 -24.07
N TYR A 413 23.23 -7.86 -23.69
CA TYR A 413 24.43 -7.85 -22.88
C TYR A 413 25.57 -7.18 -23.63
N ASP A 414 25.70 -7.50 -24.91
CA ASP A 414 26.78 -6.91 -25.69
C ASP A 414 26.57 -5.40 -25.73
N CYS A 415 25.35 -4.92 -25.85
CA CYS A 415 25.14 -3.46 -25.93
C CYS A 415 25.62 -2.81 -24.62
N ALA A 416 25.73 -3.66 -23.61
CA ALA A 416 25.95 -3.22 -22.25
C ALA A 416 27.22 -2.43 -22.07
N MET A 417 28.31 -2.80 -22.75
CA MET A 417 29.56 -2.07 -22.54
C MET A 417 29.41 -0.61 -22.97
N ALA A 418 28.80 -0.40 -24.12
CA ALA A 418 28.61 0.96 -24.62
C ALA A 418 27.71 1.71 -23.66
N CYS A 419 26.67 1.02 -23.21
CA CYS A 419 25.73 1.70 -22.33
C CYS A 419 26.44 2.15 -21.05
N ARG A 420 27.29 1.27 -20.53
CA ARG A 420 28.02 1.53 -19.29
C ARG A 420 28.97 2.69 -19.45
N GLU A 421 29.67 2.75 -20.58
CA GLU A 421 30.60 3.85 -20.78
C GLU A 421 29.82 5.16 -20.80
N GLN A 422 28.68 5.15 -21.50
CA GLN A 422 27.80 6.33 -21.54
C GLN A 422 27.18 6.70 -20.19
N ALA A 423 26.86 5.66 -19.43
CA ALA A 423 25.66 5.49 -18.65
C ALA A 423 25.95 5.82 -17.19
N MET A 424 27.09 5.34 -16.69
CA MET A 424 27.43 5.62 -15.30
C MET A 424 27.63 7.11 -15.09
N GLU A 425 28.36 7.74 -16.01
CA GLU A 425 28.59 9.17 -15.94
C GLU A 425 27.28 9.90 -16.08
N HIS A 426 26.46 9.38 -16.98
CA HIS A 426 25.22 10.04 -17.39
C HIS A 426 23.92 9.42 -16.89
N GLY A 427 24.01 8.31 -16.18
CA GLY A 427 22.82 7.60 -15.74
C GLY A 427 22.35 6.65 -16.81
N PHE A 428 21.38 5.80 -16.47
CA PHE A 428 20.92 4.74 -17.38
C PHE A 428 19.44 4.46 -17.21
N PHE A 429 18.71 4.46 -18.32
CA PHE A 429 17.29 4.14 -18.34
C PHE A 429 17.10 3.11 -19.43
N GLY A 430 16.88 1.86 -19.03
CA GLY A 430 16.79 0.75 -19.98
C GLY A 430 15.45 0.07 -20.01
N LEU A 431 15.11 -0.46 -21.17
CA LEU A 431 13.84 -1.14 -21.36
C LEU A 431 14.03 -2.55 -21.92
N ASN A 432 13.82 -3.55 -21.07
CA ASN A 432 13.83 -4.93 -21.52
C ASN A 432 12.42 -5.33 -21.95
N LEU A 433 12.19 -5.23 -23.25
CA LEU A 433 10.88 -5.49 -23.85
C LEU A 433 10.80 -6.87 -24.49
N ALA A 434 11.62 -7.81 -24.04
CA ALA A 434 11.59 -9.14 -24.60
C ALA A 434 10.19 -9.72 -24.43
N SER A 435 9.75 -10.46 -25.45
CA SER A 435 8.34 -10.83 -25.59
C SER A 435 7.77 -11.70 -24.47
N THR A 436 6.50 -11.46 -24.15
CA THR A 436 5.79 -12.20 -23.12
C THR A 436 5.62 -13.66 -23.54
N GLY A 437 5.61 -14.56 -22.56
CA GLY A 437 5.60 -15.99 -22.82
C GLY A 437 7.02 -16.49 -23.02
N CYS A 438 7.98 -15.58 -22.90
CA CYS A 438 9.39 -15.90 -22.93
C CYS A 438 9.98 -15.50 -21.60
N GLY A 439 10.76 -16.38 -20.98
CA GLY A 439 11.27 -16.12 -19.65
C GLY A 439 12.18 -14.90 -19.61
N LYS A 440 12.08 -14.06 -18.57
CA LYS A 440 12.88 -12.80 -18.53
C LYS A 440 14.25 -12.78 -17.78
N THR A 441 14.58 -13.84 -17.07
CA THR A 441 15.65 -13.72 -16.06
C THR A 441 16.98 -13.33 -16.69
N LEU A 442 17.28 -13.92 -17.83
CA LEU A 442 18.59 -13.71 -18.42
C LEU A 442 18.80 -12.25 -18.75
N ALA A 443 17.80 -11.60 -19.33
CA ALA A 443 17.98 -10.21 -19.76
C ALA A 443 18.24 -9.25 -18.60
N ASN A 444 17.46 -9.38 -17.54
CA ASN A 444 17.66 -8.52 -16.38
C ASN A 444 19.03 -8.79 -15.80
N GLY A 445 19.41 -10.07 -15.76
CA GLY A 445 20.69 -10.42 -15.18
C GLY A 445 21.81 -9.79 -15.97
N ARG A 446 21.67 -9.84 -17.29
CA ARG A 446 22.68 -9.32 -18.17
C ARG A 446 22.81 -7.84 -17.95
N ILE A 447 21.67 -7.15 -17.82
CA ILE A 447 21.72 -5.71 -17.63
C ILE A 447 22.45 -5.38 -16.34
N LEU A 448 22.14 -6.14 -15.29
CA LEU A 448 22.76 -5.86 -14.01
C LEU A 448 24.27 -6.06 -14.13
N TYR A 449 24.69 -7.13 -14.79
CA TYR A 449 26.12 -7.42 -14.92
C TYR A 449 26.81 -6.33 -15.72
N ALA A 450 26.11 -5.88 -16.76
CA ALA A 450 26.57 -4.87 -17.70
C ALA A 450 26.81 -3.57 -16.98
N LEU A 451 25.98 -3.29 -15.97
CA LEU A 451 25.98 -1.97 -15.34
C LEU A 451 27.30 -1.59 -14.68
N ALA A 452 27.91 -2.53 -13.95
CA ALA A 452 29.21 -2.27 -13.34
C ALA A 452 30.24 -3.33 -13.68
N ASP A 453 31.38 -2.92 -14.22
CA ASP A 453 32.48 -3.84 -14.46
C ASP A 453 33.85 -3.17 -14.36
N PRO A 454 34.85 -3.90 -13.90
CA PRO A 454 34.66 -5.16 -13.15
C PRO A 454 34.55 -4.85 -11.67
N GLN A 455 34.84 -3.60 -11.31
CA GLN A 455 34.84 -3.14 -9.93
C GLN A 455 33.43 -2.99 -9.36
N ARG A 456 33.32 -3.09 -8.04
CA ARG A 456 32.05 -2.90 -7.35
C ARG A 456 30.98 -3.86 -7.86
N GLY A 457 31.37 -5.10 -8.09
CA GLY A 457 30.44 -6.11 -8.57
C GLY A 457 30.12 -7.15 -7.51
N ALA A 458 28.82 -7.34 -7.27
CA ALA A 458 27.80 -6.61 -8.02
C ALA A 458 26.68 -6.06 -7.11
N ARG A 459 26.18 -4.88 -7.47
CA ARG A 459 25.00 -4.31 -6.82
C ARG A 459 23.83 -4.13 -7.77
N PHE A 460 22.69 -4.68 -7.38
CA PHE A 460 21.39 -4.31 -7.90
C PHE A 460 20.25 -5.00 -7.16
N SER A 461 19.05 -4.46 -7.32
CA SER A 461 17.87 -5.01 -6.68
C SER A 461 16.85 -5.35 -7.76
N ILE A 462 16.22 -6.52 -7.62
CA ILE A 462 15.13 -6.92 -8.50
C ILE A 462 13.82 -6.77 -7.76
N ALA A 463 13.07 -5.76 -8.15
CA ALA A 463 11.80 -5.46 -7.51
C ALA A 463 10.67 -5.89 -8.45
N LEU A 464 9.92 -6.88 -8.00
CA LEU A 464 8.83 -7.45 -8.79
C LEU A 464 7.53 -6.70 -8.53
N GLY A 465 6.73 -6.52 -9.58
CA GLY A 465 5.45 -5.83 -9.51
C GLY A 465 4.28 -6.62 -8.92
N LEU A 466 4.57 -7.46 -7.93
CA LEU A 466 3.54 -8.17 -7.16
C LEU A 466 3.36 -7.55 -5.78
N ARG A 467 2.18 -7.70 -5.18
CA ARG A 467 1.94 -7.25 -3.81
C ARG A 467 2.77 -8.03 -2.79
N SER A 468 2.99 -9.32 -3.06
CA SER A 468 3.76 -10.18 -2.16
C SER A 468 4.75 -11.05 -2.89
N LEU A 469 5.96 -11.12 -2.35
CA LEU A 469 6.97 -12.02 -2.86
C LEU A 469 7.08 -13.23 -1.97
N THR A 470 6.87 -14.40 -2.56
CA THR A 470 6.98 -15.67 -1.85
C THR A 470 8.43 -16.08 -1.86
N LEU A 471 8.80 -16.96 -0.94
CA LEU A 471 10.17 -17.45 -0.88
C LEU A 471 10.50 -18.20 -2.16
N GLN A 472 9.54 -18.96 -2.66
CA GLN A 472 9.75 -19.76 -3.86
C GLN A 472 10.06 -18.92 -5.09
N THR A 473 9.34 -17.82 -5.27
CA THR A 473 9.57 -16.98 -6.45
C THR A 473 10.97 -16.41 -6.41
N GLY A 474 11.36 -15.95 -5.24
CA GLY A 474 12.67 -15.36 -5.07
C GLY A 474 13.71 -16.41 -5.34
N GLN A 475 13.45 -17.62 -4.86
CA GLN A 475 14.38 -18.72 -5.01
C GLN A 475 14.57 -19.04 -6.49
N ALA A 476 13.47 -19.01 -7.23
CA ALA A 476 13.52 -19.28 -8.66
C ALA A 476 14.33 -18.21 -9.37
N TYR A 477 14.12 -16.96 -8.97
CA TYR A 477 14.86 -15.88 -9.59
C TYR A 477 16.35 -16.09 -9.32
N ARG A 478 16.68 -16.49 -8.10
CA ARG A 478 18.06 -16.71 -7.72
C ARG A 478 18.69 -17.84 -8.53
N GLU A 479 17.91 -18.90 -8.72
CA GLU A 479 18.34 -20.08 -9.44
C GLU A 479 18.64 -19.68 -10.88
N ARG A 480 17.82 -18.79 -11.40
CA ARG A 480 18.00 -18.31 -12.75
C ARG A 480 19.35 -17.61 -12.87
N LEU A 481 19.72 -16.87 -11.84
CA LEU A 481 20.89 -15.99 -11.89
C LEU A 481 22.16 -16.71 -11.47
N GLY A 482 22.01 -17.97 -11.07
CA GLY A 482 23.15 -18.75 -10.63
C GLY A 482 23.87 -18.05 -9.50
N LEU A 483 23.09 -17.47 -8.60
CA LEU A 483 23.61 -16.68 -7.50
C LEU A 483 23.32 -17.33 -6.15
N GLY A 484 24.34 -17.38 -5.29
CA GLY A 484 24.20 -17.96 -3.97
C GLY A 484 23.21 -17.18 -3.13
N ASP A 485 22.53 -17.86 -2.22
CA ASP A 485 21.47 -17.24 -1.44
C ASP A 485 22.03 -16.10 -0.61
N ASP A 486 23.22 -16.29 -0.06
CA ASP A 486 23.86 -15.23 0.70
C ASP A 486 24.13 -14.05 -0.23
N ASP A 487 24.56 -14.36 -1.45
CA ASP A 487 24.78 -13.32 -2.47
C ASP A 487 23.47 -12.63 -2.82
N LEU A 488 22.41 -13.41 -2.93
CA LEU A 488 21.08 -12.88 -3.21
C LEU A 488 20.21 -12.99 -1.95
N ALA A 489 19.77 -11.83 -1.48
CA ALA A 489 18.83 -11.76 -0.37
C ALA A 489 17.39 -11.67 -0.85
N ILE A 490 16.49 -12.45 -0.25
CA ILE A 490 15.07 -12.38 -0.54
C ILE A 490 14.38 -11.59 0.56
N LEU A 491 13.68 -10.52 0.18
CA LEU A 491 12.81 -9.82 1.11
C LEU A 491 11.39 -10.38 0.98
N VAL A 492 11.03 -11.24 1.93
CA VAL A 492 9.81 -12.05 1.86
C VAL A 492 8.59 -11.31 2.39
N SER A 524 8.30 -8.29 7.48
CA SER A 524 9.39 -8.25 6.50
C SER A 524 10.60 -8.98 7.05
N HIS A 525 10.90 -10.14 6.48
CA HIS A 525 12.08 -10.88 6.86
C HIS A 525 12.91 -11.01 5.60
N VAL A 526 14.20 -10.73 5.69
CA VAL A 526 15.05 -10.88 4.53
C VAL A 526 16.03 -12.04 4.74
N HIS A 527 16.08 -12.92 3.74
CA HIS A 527 16.87 -14.14 3.81
C HIS A 527 18.18 -14.00 3.04
N PHE A 528 19.26 -14.31 3.75
CA PHE A 528 20.61 -14.13 3.24
C PHE A 528 21.20 -15.43 2.70
N GLY A 535 29.48 -3.65 8.92
CA GLY A 535 28.35 -2.94 8.36
C GLY A 535 28.61 -1.44 8.24
N PRO A 536 28.47 -0.91 7.03
CA PRO A 536 28.77 0.50 6.80
C PRO A 536 27.84 1.39 7.62
N LEU A 537 26.57 1.02 7.69
CA LEU A 537 25.60 1.71 8.54
C LEU A 537 25.51 1.01 9.88
N ARG A 538 26.38 0.05 10.10
CA ARG A 538 26.26 -0.87 11.22
C ARG A 538 26.32 -0.20 12.59
N GLU A 539 27.19 0.77 12.79
CA GLU A 539 27.32 1.35 14.13
C GLU A 539 26.05 2.02 14.62
N TRP A 540 25.43 2.84 13.78
CA TRP A 540 24.11 3.39 14.06
C TRP A 540 23.06 2.29 14.04
N LEU A 541 23.21 1.41 13.06
CA LEU A 541 22.26 0.34 12.77
C LEU A 541 22.28 -0.81 13.76
N GLY A 542 21.20 -1.57 13.81
CA GLY A 542 21.15 -2.76 14.63
C GLY A 542 22.16 -3.76 14.11
N ARG A 543 22.85 -4.45 15.02
CA ARG A 543 23.88 -5.38 14.63
C ARG A 543 23.33 -6.52 13.80
N ASN A 544 22.17 -7.01 14.20
CA ASN A 544 21.50 -8.08 13.48
C ASN A 544 20.08 -7.68 13.15
N SER A 545 19.92 -7.04 12.00
CA SER A 545 18.60 -6.53 11.60
C SER A 545 18.31 -6.64 10.11
N ALA A 546 17.04 -6.83 9.79
CA ALA A 546 16.57 -7.10 8.43
C ALA A 546 16.81 -6.02 7.39
N GLY A 547 16.55 -4.76 7.74
CA GLY A 547 16.75 -3.67 6.80
C GLY A 547 18.21 -3.53 6.44
N ASN A 548 19.05 -3.65 7.46
CA ASN A 548 20.48 -3.58 7.29
C ASN A 548 20.94 -4.74 6.42
N ARG A 549 20.35 -5.92 6.65
CA ARG A 549 20.69 -7.08 5.85
C ARG A 549 20.33 -6.86 4.38
N LEU A 550 19.17 -6.26 4.15
CA LEU A 550 18.72 -5.98 2.80
C LEU A 550 19.70 -5.04 2.14
N LEU A 551 20.17 -4.04 2.87
CA LEU A 551 21.18 -3.14 2.30
C LEU A 551 22.50 -3.84 1.98
N GLN A 552 22.97 -4.71 2.88
CA GLN A 552 24.29 -5.34 2.73
C GLN A 552 24.46 -6.30 1.53
N ALA A 553 23.45 -7.13 1.31
CA ALA A 553 23.38 -8.10 0.22
C ALA A 553 23.78 -7.47 -1.12
N PRO A 554 24.56 -8.18 -1.91
CA PRO A 554 24.91 -7.63 -3.23
C PRO A 554 23.67 -7.38 -4.10
N ILE A 555 22.69 -8.29 -4.02
CA ILE A 555 21.36 -8.07 -4.60
C ILE A 555 20.34 -8.32 -3.50
N LEU A 556 19.26 -7.53 -3.45
CA LEU A 556 18.14 -7.70 -2.50
C LEU A 556 16.89 -7.97 -3.36
N ALA A 557 16.07 -8.96 -3.01
CA ALA A 557 14.81 -9.25 -3.72
C ALA A 557 13.69 -9.01 -2.68
N CYS A 558 12.51 -8.58 -3.11
CA CYS A 558 11.45 -8.15 -2.20
C CYS A 558 10.36 -7.83 -3.22
N THR A 559 9.87 -6.60 -3.26
CA THR A 559 8.89 -6.21 -4.27
C THR A 559 8.90 -4.70 -4.43
N ILE A 560 8.29 -4.24 -5.53
CA ILE A 560 8.21 -2.84 -5.87
C ILE A 560 7.40 -2.03 -4.86
N ASP A 561 6.31 -2.62 -4.38
CA ASP A 561 5.38 -1.88 -3.55
C ASP A 561 6.00 -1.40 -2.24
N HIS A 562 6.79 -2.25 -1.59
CA HIS A 562 7.40 -1.85 -0.33
C HIS A 562 8.37 -0.69 -0.54
N LEU A 563 9.15 -0.77 -1.60
CA LEU A 563 10.11 0.28 -1.92
C LEU A 563 9.37 1.57 -2.22
N MET A 564 8.27 1.45 -2.94
CA MET A 564 7.47 2.61 -3.30
C MET A 564 6.93 3.27 -2.06
N PRO A 565 6.47 2.46 -1.12
CA PRO A 565 5.93 2.98 0.15
C PRO A 565 7.02 3.70 0.92
N ALA A 566 8.21 3.12 0.92
CA ALA A 566 9.33 3.73 1.63
C ALA A 566 9.65 5.09 1.01
N SER A 567 9.64 5.16 -0.31
CA SER A 567 9.91 6.42 -0.99
C SER A 567 8.83 7.45 -0.67
N GLU A 568 7.56 7.04 -0.69
CA GLU A 568 6.52 7.95 -0.26
C GLU A 568 5.98 7.50 1.08
N SER A 569 6.38 8.18 2.15
CA SER A 569 5.98 7.80 3.50
C SER A 569 5.39 8.96 4.27
N LEU A 570 4.20 8.77 4.83
CA LEU A 570 3.64 9.78 5.69
C LEU A 570 4.53 9.98 6.90
N ARG A 571 5.01 8.88 7.49
CA ARG A 571 5.87 8.97 8.67
C ARG A 571 6.80 7.79 8.94
N GLY A 572 7.88 8.06 9.68
CA GLY A 572 8.68 7.04 10.34
C GLY A 572 10.00 6.64 9.69
N GLY A 573 10.90 6.17 10.56
CA GLY A 573 12.24 5.75 10.20
C GLY A 573 12.16 4.77 9.05
N HIS A 574 11.13 3.96 9.03
CA HIS A 574 11.02 2.89 8.05
C HIS A 574 11.09 3.55 6.71
N GLN A 575 10.51 4.73 6.60
CA GLN A 575 10.61 5.48 5.38
C GLN A 575 12.10 5.72 5.14
N ILE A 576 12.83 6.03 6.20
CA ILE A 576 14.25 6.32 6.03
C ILE A 576 15.03 5.13 5.50
N ALA A 577 14.78 3.96 6.06
CA ALA A 577 15.51 2.78 5.61
C ALA A 577 15.16 2.54 4.17
N PRO A 578 13.88 2.71 3.84
CA PRO A 578 13.43 2.45 2.48
C PRO A 578 14.12 3.39 1.51
N LEU A 579 14.24 4.65 1.87
CA LEU A 579 14.89 5.63 1.01
C LEU A 579 16.36 5.27 0.82
N LEU A 580 17.00 4.84 1.91
CA LEU A 580 18.40 4.48 1.81
C LEU A 580 18.54 3.31 0.86
N ARG A 581 17.60 2.38 0.95
CA ARG A 581 17.61 1.19 0.10
C ARG A 581 17.42 1.56 -1.37
N LEU A 582 16.50 2.48 -1.64
CA LEU A 582 16.21 2.90 -3.00
C LEU A 582 17.48 3.52 -3.53
N MET A 583 18.14 4.24 -2.64
CA MET A 583 19.35 4.95 -2.98
C MET A 583 20.49 4.05 -3.42
N THR A 584 20.67 2.89 -2.82
CA THR A 584 22.04 2.33 -2.90
C THR A 584 22.77 1.98 -4.27
N SER A 585 22.12 1.31 -5.24
CA SER A 585 22.60 1.19 -6.56
C SER A 585 21.24 1.25 -7.18
N ASP A 586 20.93 0.42 -8.17
CA ASP A 586 19.84 0.82 -9.03
C ASP A 586 18.79 -0.26 -9.09
N LEU A 587 17.56 0.26 -8.91
CA LEU A 587 16.26 -0.39 -8.71
C LEU A 587 15.65 -0.71 -10.04
N VAL A 588 15.33 -2.00 -10.22
CA VAL A 588 14.70 -2.55 -11.40
C VAL A 588 13.23 -2.76 -11.05
N LEU A 589 12.32 -2.30 -11.91
CA LEU A 589 10.94 -2.73 -11.79
C LEU A 589 10.81 -3.88 -12.80
N ASP A 590 9.77 -4.62 -12.41
CA ASP A 590 8.64 -5.13 -13.31
C ASP A 590 7.23 -4.31 -13.56
N GLU A 591 6.62 -4.63 -14.71
CA GLU A 591 5.62 -3.81 -15.41
C GLU A 591 4.25 -3.53 -14.78
N VAL A 592 3.69 -4.53 -14.10
CA VAL A 592 2.27 -4.59 -13.77
C VAL A 592 1.77 -3.50 -12.83
N ASP A 593 2.68 -2.88 -12.09
CA ASP A 593 2.32 -2.12 -10.89
C ASP A 593 1.37 -0.95 -11.11
N ASP A 594 1.53 -0.20 -12.20
CA ASP A 594 0.72 1.01 -12.36
C ASP A 594 -0.79 0.72 -12.43
N PHE A 595 -1.18 -0.30 -13.19
CA PHE A 595 -2.57 -0.72 -13.22
C PHE A 595 -3.52 0.27 -13.94
N ASP A 596 -3.60 1.50 -13.42
CA ASP A 596 -4.51 2.53 -13.96
C ASP A 596 -3.70 3.76 -14.37
N ILE A 597 -3.94 4.33 -15.56
CA ILE A 597 -2.98 5.34 -15.96
C ILE A 597 -2.46 6.08 -14.73
N ASP A 598 -3.32 6.36 -13.74
CA ASP A 598 -2.87 7.05 -12.52
C ASP A 598 -1.86 6.35 -11.55
N ASP A 599 -2.10 5.08 -11.27
CA ASP A 599 -1.26 4.34 -10.32
C ASP A 599 0.13 4.24 -10.90
N LEU A 600 0.16 4.06 -12.22
CA LEU A 600 1.39 4.01 -12.96
C LEU A 600 2.09 5.34 -12.77
N PRO A 601 1.31 6.43 -12.74
CA PRO A 601 1.86 7.77 -12.54
C PRO A 601 2.53 7.93 -11.16
N ALA A 602 1.90 7.37 -10.13
CA ALA A 602 2.51 7.38 -8.81
C ALA A 602 3.81 6.59 -8.83
N LEU A 603 3.80 5.48 -9.55
CA LEU A 603 5.00 4.66 -9.68
C LEU A 603 6.11 5.46 -10.35
N SER A 604 5.74 6.23 -11.37
CA SER A 604 6.69 7.06 -12.08
C SER A 604 7.27 8.11 -11.15
N ARG A 605 6.43 8.67 -10.28
CA ARG A 605 6.93 9.65 -9.32
C ARG A 605 7.98 9.01 -8.42
N LEU A 606 7.69 7.80 -7.96
CA LEU A 606 8.66 7.13 -7.11
C LEU A 606 9.96 6.89 -7.87
N VAL A 607 9.84 6.49 -9.12
CA VAL A 607 11.02 6.22 -9.95
C VAL A 607 11.85 7.48 -10.11
N HIS A 608 11.18 8.61 -10.32
CA HIS A 608 11.88 9.87 -10.47
C HIS A 608 12.62 10.23 -9.20
N TRP A 609 11.97 10.03 -8.06
CA TRP A 609 12.63 10.40 -6.81
C TRP A 609 13.86 9.52 -6.72
N ALA A 610 13.70 8.29 -7.15
CA ALA A 610 14.77 7.32 -7.13
C ALA A 610 15.99 7.63 -8.00
N GLY A 611 15.79 8.10 -9.22
CA GLY A 611 16.94 8.28 -10.10
C GLY A 611 17.91 9.31 -9.52
N LEU A 612 17.31 10.35 -8.96
CA LEU A 612 18.00 11.54 -8.47
C LEU A 612 19.02 11.12 -7.43
N PHE A 613 18.68 10.11 -6.66
CA PHE A 613 19.65 9.46 -5.79
C PHE A 613 20.73 8.86 -6.70
N GLY A 614 20.41 8.69 -7.98
CA GLY A 614 21.36 8.30 -8.99
C GLY A 614 21.30 6.88 -9.53
N SER A 615 20.38 6.08 -9.00
CA SER A 615 20.17 4.76 -9.57
C SER A 615 19.50 4.86 -10.94
N ARG A 616 19.99 4.09 -11.90
CA ARG A 616 19.36 3.98 -13.20
C ARG A 616 18.47 2.76 -13.06
N VAL A 617 17.21 2.92 -13.44
CA VAL A 617 16.24 1.84 -13.33
C VAL A 617 15.87 1.40 -14.75
N LEU A 618 15.91 0.11 -15.01
CA LEU A 618 15.60 -0.42 -16.34
C LEU A 618 14.25 -1.12 -16.31
N LEU A 619 13.38 -0.78 -17.25
CA LEU A 619 12.04 -1.36 -17.29
C LEU A 619 11.92 -2.38 -18.42
N SER A 620 11.52 -3.60 -18.04
CA SER A 620 11.26 -4.66 -19.00
C SER A 620 9.83 -4.49 -19.48
N SER A 621 9.65 -3.58 -20.43
CA SER A 621 8.31 -3.23 -20.89
C SER A 621 7.82 -4.19 -21.96
N ALA A 622 7.48 -5.41 -21.55
CA ALA A 622 6.88 -6.34 -22.48
C ALA A 622 5.53 -5.80 -22.91
N THR A 623 4.77 -5.28 -21.96
CA THR A 623 3.45 -4.74 -22.24
C THR A 623 3.32 -3.23 -22.03
N LEU A 624 4.43 -2.54 -21.77
CA LEU A 624 4.37 -1.13 -21.41
C LEU A 624 3.83 -0.25 -22.53
N PRO A 625 2.95 0.69 -22.16
CA PRO A 625 2.45 1.69 -23.11
C PRO A 625 3.55 2.69 -23.42
N PRO A 626 3.55 3.27 -24.63
CA PRO A 626 4.62 4.19 -25.01
C PRO A 626 4.66 5.40 -24.10
N ALA A 627 3.48 5.90 -23.76
CA ALA A 627 3.34 7.09 -22.92
C ALA A 627 3.95 6.86 -21.53
N LEU A 628 3.70 5.69 -20.97
CA LEU A 628 4.24 5.34 -19.66
C LEU A 628 5.77 5.32 -19.73
N VAL A 629 6.29 4.80 -20.82
CA VAL A 629 7.73 4.76 -21.03
C VAL A 629 8.29 6.17 -21.09
N GLN A 630 7.56 7.07 -21.75
CA GLN A 630 7.98 8.45 -21.85
C GLN A 630 8.02 9.10 -20.47
N GLY A 631 7.01 8.80 -19.66
CA GLY A 631 6.97 9.31 -18.31
C GLY A 631 8.14 8.81 -17.48
N LEU A 632 8.47 7.54 -17.67
CA LEU A 632 9.61 6.95 -16.96
C LEU A 632 10.90 7.64 -17.39
N PHE A 633 11.02 7.94 -18.68
CA PHE A 633 12.18 8.63 -19.20
C PHE A 633 12.30 10.01 -18.59
N GLU A 634 11.18 10.72 -18.43
CA GLU A 634 11.24 12.10 -17.90
C GLU A 634 11.77 12.25 -16.45
N ALA A 635 11.32 11.35 -15.59
CA ALA A 635 11.61 11.44 -14.16
C ALA A 635 13.11 11.35 -13.94
N TYR A 636 13.75 10.46 -14.69
CA TYR A 636 15.20 10.31 -14.61
C TYR A 636 15.81 11.64 -15.04
N ARG A 637 15.19 12.28 -16.02
CA ARG A 637 15.70 13.54 -16.54
C ARG A 637 15.71 14.63 -15.46
N SER A 638 14.65 14.73 -14.67
CA SER A 638 14.67 15.70 -13.56
C SER A 638 15.75 15.35 -12.54
N GLY A 639 15.83 14.06 -12.27
CA GLY A 639 16.76 13.36 -11.41
C GLY A 639 18.18 13.58 -11.88
N ARG A 640 18.36 13.57 -13.20
CA ARG A 640 19.67 13.79 -13.78
C ARG A 640 20.15 15.19 -13.44
N GLU A 641 19.25 16.17 -13.50
CA GLU A 641 19.61 17.53 -13.14
C GLU A 641 20.02 17.60 -11.66
N ILE A 642 19.24 16.95 -10.81
CA ILE A 642 19.57 16.86 -9.39
C ILE A 642 20.86 16.07 -9.15
N PHE A 643 21.00 14.99 -9.91
CA PHE A 643 22.09 14.03 -9.76
C PHE A 643 23.43 14.59 -10.19
N GLN A 644 23.43 15.34 -11.28
CA GLN A 644 24.66 15.94 -11.78
C GLN A 644 25.21 16.92 -10.75
N ARG A 645 24.31 17.69 -10.14
CA ARG A 645 24.69 18.63 -9.09
C ARG A 645 25.28 17.92 -7.88
N HIS A 646 24.69 16.79 -7.51
CA HIS A 646 25.13 16.05 -6.33
C HIS A 646 26.57 15.50 -6.39
N ILE A 656 21.05 11.20 -20.99
CA ILE A 656 20.34 9.94 -20.78
C ILE A 656 20.20 9.17 -22.08
N ARG A 657 20.65 7.92 -22.07
CA ARG A 657 20.52 7.02 -23.21
C ARG A 657 19.65 5.84 -22.77
N CYS A 658 18.65 5.49 -23.57
CA CYS A 658 17.75 4.38 -23.24
C CYS A 658 17.99 3.21 -24.20
N ALA A 659 18.19 2.01 -23.65
CA ALA A 659 18.48 0.85 -24.48
C ALA A 659 17.29 -0.11 -24.55
N TRP A 660 16.85 -0.41 -25.76
CA TRP A 660 15.68 -1.28 -25.97
C TRP A 660 16.11 -2.71 -26.28
N PHE A 661 16.13 -3.55 -25.25
CA PHE A 661 16.47 -4.95 -25.47
C PHE A 661 15.38 -5.58 -26.34
N ASP A 662 15.80 -6.33 -27.34
CA ASP A 662 14.86 -7.02 -28.22
C ASP A 662 15.47 -8.34 -28.64
N GLU A 663 14.62 -9.31 -28.98
CA GLU A 663 15.13 -10.58 -29.44
C GLU A 663 15.90 -10.36 -30.74
N PHE A 664 15.34 -9.54 -31.62
CA PHE A 664 16.01 -9.18 -32.87
C PHE A 664 17.30 -8.39 -32.64
N SER A 665 17.20 -7.31 -31.90
CA SER A 665 18.31 -6.38 -31.74
C SER A 665 18.02 -5.53 -30.52
N SER A 666 19.01 -4.78 -30.04
CA SER A 666 18.79 -3.78 -28.99
C SER A 666 19.27 -2.44 -29.56
N GLN A 667 18.49 -1.37 -29.40
CA GLN A 667 18.92 -0.05 -29.88
C GLN A 667 19.04 0.86 -28.65
N SER A 668 20.14 1.60 -28.51
CA SER A 668 20.31 2.50 -27.35
C SER A 668 20.28 3.95 -27.84
N SER A 669 19.45 4.82 -27.26
CA SER A 669 19.42 6.23 -27.69
C SER A 669 20.02 7.12 -26.59
N ALA A 670 21.00 7.95 -26.92
CA ALA A 670 21.51 8.91 -25.93
C ALA A 670 20.75 10.20 -26.22
N HIS A 671 19.68 10.46 -25.46
CA HIS A 671 18.80 11.60 -25.75
C HIS A 671 18.55 12.53 -24.57
N GLY A 672 18.86 13.81 -24.78
CA GLY A 672 18.62 14.84 -23.78
C GLY A 672 17.17 15.13 -23.44
N ALA A 673 16.31 15.12 -24.44
CA ALA A 673 14.93 15.57 -24.29
C ALA A 673 13.91 14.44 -24.42
N VAL A 674 13.01 14.38 -23.46
CA VAL A 674 12.01 13.32 -23.37
C VAL A 674 11.26 13.14 -24.69
N THR A 675 10.94 14.25 -25.35
CA THR A 675 10.26 14.20 -26.64
C THR A 675 11.14 13.47 -27.64
N SER A 676 12.44 13.77 -27.60
CA SER A 676 13.42 13.09 -28.44
C SER A 676 13.43 11.61 -28.09
N PHE A 677 13.34 11.31 -26.81
CA PHE A 677 13.32 9.91 -26.38
C PHE A 677 12.09 9.19 -26.95
N SER A 678 10.95 9.88 -26.95
CA SER A 678 9.70 9.27 -27.40
C SER A 678 9.75 8.83 -28.86
N GLU A 679 10.28 9.73 -29.70
CA GLU A 679 10.40 9.46 -31.13
C GLU A 679 11.34 8.28 -31.30
N ALA A 680 12.39 8.27 -30.51
CA ALA A 680 13.32 7.15 -30.50
C ALA A 680 12.49 5.97 -30.06
N HIS A 681 11.58 6.22 -29.13
CA HIS A 681 10.62 5.21 -28.72
C HIS A 681 9.74 4.84 -29.90
N ALA A 682 9.35 5.84 -30.69
CA ALA A 682 8.51 5.55 -31.83
C ALA A 682 9.24 4.67 -32.83
N THR A 683 10.51 4.99 -33.07
CA THR A 683 11.31 4.23 -34.03
C THR A 683 11.51 2.79 -33.55
N PHE A 684 11.77 2.64 -32.26
CA PHE A 684 11.97 1.32 -31.69
C PHE A 684 10.69 0.53 -31.84
N VAL A 685 9.60 1.23 -31.57
CA VAL A 685 8.26 0.69 -31.62
C VAL A 685 7.97 0.24 -33.04
N ALA A 686 8.47 0.97 -34.03
CA ALA A 686 8.21 0.58 -35.42
C ALA A 686 8.79 -0.79 -35.76
N GLN A 687 10.03 -1.05 -35.34
CA GLN A 687 10.65 -2.33 -35.64
C GLN A 687 9.91 -3.48 -34.97
N ARG A 688 9.54 -3.25 -33.72
CA ARG A 688 8.79 -4.24 -32.94
C ARG A 688 7.44 -4.49 -33.58
N LEU A 689 6.83 -3.43 -34.08
CA LEU A 689 5.55 -3.49 -34.74
C LEU A 689 5.68 -4.33 -35.99
N ALA A 690 6.79 -4.18 -36.71
CA ALA A 690 7.08 -5.00 -37.89
C ALA A 690 7.21 -6.47 -37.53
N LYS A 691 7.87 -6.72 -36.41
CA LYS A 691 7.99 -8.09 -35.93
C LYS A 691 6.61 -8.66 -35.63
N LEU A 692 5.75 -7.84 -35.03
CA LEU A 692 4.37 -8.24 -34.72
C LEU A 692 3.58 -8.51 -36.00
N GLU A 693 3.85 -7.68 -37.00
CA GLU A 693 3.21 -7.73 -38.30
C GLU A 693 3.54 -9.08 -38.90
N GLN A 694 4.75 -9.57 -38.67
CA GLN A 694 4.99 -10.94 -39.04
C GLN A 694 3.96 -11.66 -38.19
N LEU A 695 3.25 -12.61 -38.78
CA LEU A 695 2.16 -13.26 -38.05
C LEU A 695 2.73 -14.02 -36.86
N PRO A 696 2.04 -13.97 -35.74
CA PRO A 696 2.55 -14.66 -34.55
C PRO A 696 2.57 -16.16 -34.79
N PRO A 697 3.72 -16.78 -34.50
CA PRO A 697 3.83 -18.24 -34.60
C PRO A 697 2.95 -18.94 -33.58
N ARG A 698 2.94 -18.42 -32.35
CA ARG A 698 2.22 -19.07 -31.27
C ARG A 698 1.14 -18.20 -30.67
N ARG A 699 -0.07 -18.74 -30.64
CA ARG A 699 -1.24 -18.07 -29.98
C ARG A 699 -2.49 -17.98 -30.92
N GLN A 700 -3.59 -18.55 -30.47
CA GLN A 700 -4.85 -18.45 -31.20
C GLN A 700 -5.75 -17.69 -30.14
N ALA A 701 -6.74 -16.94 -30.63
CA ALA A 701 -7.72 -16.22 -29.80
C ALA A 701 -9.09 -16.81 -30.20
N GLN A 702 -9.93 -17.17 -29.22
CA GLN A 702 -11.28 -17.78 -29.41
C GLN A 702 -12.28 -16.71 -28.89
N LEU A 703 -13.35 -16.42 -29.64
CA LEU A 703 -14.43 -15.63 -29.06
C LEU A 703 -15.54 -16.64 -28.83
N CYS A 704 -15.90 -16.85 -27.56
CA CYS A 704 -17.02 -17.68 -27.15
C CYS A 704 -18.11 -16.95 -26.39
N THR A 705 -18.97 -17.71 -25.71
CA THR A 705 -20.11 -17.02 -25.14
C THR A 705 -20.54 -17.78 -23.90
N VAL A 706 -20.82 -17.06 -22.82
CA VAL A 706 -21.27 -17.67 -21.59
C VAL A 706 -22.79 -17.48 -21.46
N HIS A 707 -23.48 -18.55 -21.07
CA HIS A 707 -24.92 -18.50 -20.79
C HIS A 707 -25.16 -18.57 -19.31
N LEU A 716 -24.22 -17.96 -11.68
CA LEU A 716 -23.54 -17.38 -12.82
C LEU A 716 -22.25 -18.12 -13.07
N CYS A 717 -21.53 -18.44 -12.00
CA CYS A 717 -20.27 -19.15 -12.12
C CYS A 717 -20.54 -20.51 -12.73
N ARG A 718 -21.61 -21.15 -12.28
CA ARG A 718 -21.96 -22.46 -12.78
C ARG A 718 -22.28 -22.42 -14.28
N GLU A 719 -23.01 -21.39 -14.70
CA GLU A 719 -23.32 -21.28 -16.13
C GLU A 719 -22.03 -21.07 -16.91
N LEU A 720 -21.19 -20.19 -16.38
CA LEU A 720 -19.85 -19.96 -16.91
C LEU A 720 -19.01 -21.21 -16.72
N ALA A 721 -19.17 -21.84 -15.56
CA ALA A 721 -18.33 -22.97 -15.19
C ALA A 721 -18.51 -24.12 -16.18
N GLY A 722 -19.75 -24.36 -16.57
CA GLY A 722 -20.05 -25.41 -17.53
C GLY A 722 -19.39 -25.10 -18.87
N GLN A 723 -19.46 -23.84 -19.28
CA GLN A 723 -18.84 -23.44 -20.54
C GLN A 723 -17.33 -23.67 -20.46
N MET A 724 -16.75 -23.33 -19.32
CA MET A 724 -15.32 -23.49 -19.11
C MET A 724 -14.94 -24.96 -19.18
N ASN A 725 -15.77 -25.82 -18.60
CA ASN A 725 -15.54 -27.25 -18.63
C ASN A 725 -15.57 -27.78 -20.06
N THR A 726 -16.53 -27.29 -20.84
CA THR A 726 -16.63 -27.72 -22.23
C THR A 726 -15.36 -27.30 -22.98
N TRP A 727 -14.90 -26.08 -22.71
CA TRP A 727 -13.71 -25.57 -23.37
C TRP A 727 -12.51 -26.43 -23.00
N MET A 728 -12.42 -26.82 -21.74
CA MET A 728 -11.33 -27.64 -21.26
C MET A 728 -11.34 -29.00 -21.94
N ALA A 729 -12.53 -29.56 -22.12
CA ALA A 729 -12.68 -30.84 -22.78
C ALA A 729 -12.20 -30.73 -24.23
N ASP A 730 -12.56 -29.62 -24.88
CA ASP A 730 -12.16 -29.39 -26.25
C ASP A 730 -10.65 -29.27 -26.45
N LEU A 731 -9.99 -28.60 -25.51
CA LEU A 731 -8.61 -28.15 -25.66
C LEU A 731 -7.65 -29.32 -25.47
N HIS A 732 -7.97 -30.17 -24.50
CA HIS A 732 -7.15 -31.35 -24.22
C HIS A 732 -7.15 -32.30 -25.40
N ARG A 733 -8.32 -32.49 -26.01
CA ARG A 733 -8.39 -33.36 -27.18
C ARG A 733 -7.55 -32.76 -28.29
N CYS A 734 -7.67 -31.45 -28.47
CA CYS A 734 -6.86 -30.70 -29.42
C CYS A 734 -5.37 -30.69 -29.04
N HIS A 735 -5.11 -30.54 -27.73
CA HIS A 735 -3.75 -30.27 -27.25
C HIS A 735 -3.40 -31.09 -26.02
N HIS A 736 -2.63 -32.15 -26.23
CA HIS A 736 -2.31 -33.10 -25.18
C HIS A 736 -1.08 -33.86 -25.59
N THR A 737 -0.54 -34.66 -24.66
CA THR A 737 0.60 -35.51 -24.95
C THR A 737 0.21 -36.95 -24.72
N GLU A 738 0.58 -37.82 -25.66
CA GLU A 738 0.29 -39.24 -25.50
C GLU A 738 1.56 -40.07 -25.20
N HIS A 739 1.44 -40.98 -24.24
CA HIS A 739 2.50 -41.95 -23.97
C HIS A 739 1.90 -43.27 -23.55
N GLN A 740 2.32 -44.34 -24.22
CA GLN A 740 1.89 -45.72 -23.91
C GLN A 740 0.38 -45.88 -23.77
N GLY A 741 -0.36 -45.24 -24.66
CA GLY A 741 -1.82 -45.38 -24.69
C GLY A 741 -2.60 -44.41 -23.83
N ARG A 742 -1.91 -43.51 -23.12
CA ARG A 742 -2.58 -42.52 -22.30
C ARG A 742 -2.27 -41.09 -22.77
N ARG A 743 -3.16 -40.16 -22.43
CA ARG A 743 -3.03 -38.75 -22.85
C ARG A 743 -3.19 -37.76 -21.67
N ILE A 744 -2.17 -36.93 -21.46
CA ILE A 744 -2.17 -35.87 -20.42
C ILE A 744 -2.15 -34.46 -21.03
N SER A 745 -2.97 -33.56 -20.51
CA SER A 745 -2.88 -32.16 -20.89
C SER A 745 -2.91 -31.26 -19.67
N PHE A 746 -2.36 -30.06 -19.81
CA PHE A 746 -2.32 -29.09 -18.73
C PHE A 746 -3.03 -27.80 -19.13
N GLY A 747 -3.98 -27.37 -18.30
CA GLY A 747 -4.79 -26.21 -18.62
C GLY A 747 -4.76 -25.14 -17.55
N LEU A 748 -5.05 -23.91 -17.95
CA LEU A 748 -5.07 -22.80 -17.02
C LEU A 748 -6.42 -22.10 -17.04
N LEU A 749 -7.09 -22.01 -15.90
CA LEU A 749 -8.30 -21.21 -15.83
C LEU A 749 -7.97 -19.94 -15.08
N ARG A 750 -8.07 -18.81 -15.75
CA ARG A 750 -7.79 -17.55 -15.08
C ARG A 750 -9.06 -16.77 -14.81
N LEU A 751 -9.31 -16.51 -13.52
CA LEU A 751 -10.34 -15.59 -13.10
C LEU A 751 -9.71 -14.33 -12.51
N ALA A 752 -10.48 -13.24 -12.51
CA ALA A 752 -9.99 -11.93 -12.13
C ALA A 752 -9.97 -11.72 -10.62
N ASN A 753 -10.98 -12.24 -9.93
CA ASN A 753 -11.16 -11.99 -8.52
C ASN A 753 -11.29 -13.29 -7.72
N ILE A 754 -10.86 -13.24 -6.45
CA ILE A 754 -10.82 -14.45 -5.63
C ILE A 754 -12.18 -15.09 -5.39
N GLU A 755 -13.20 -14.27 -5.15
CA GLU A 755 -14.53 -14.81 -4.87
C GLU A 755 -15.10 -15.56 -6.07
N PRO A 756 -14.95 -14.99 -7.25
CA PRO A 756 -15.45 -15.62 -8.48
C PRO A 756 -14.74 -16.95 -8.73
N LEU A 757 -13.43 -16.94 -8.52
CA LEU A 757 -12.64 -18.14 -8.72
C LEU A 757 -13.10 -19.21 -7.73
N ILE A 758 -13.36 -18.80 -6.50
CA ILE A 758 -13.81 -19.73 -5.48
C ILE A 758 -15.15 -20.34 -5.88
N GLU A 759 -16.05 -19.51 -6.40
CA GLU A 759 -17.36 -20.00 -6.83
C GLU A 759 -17.20 -21.01 -7.95
N LEU A 760 -16.29 -20.71 -8.89
CA LEU A 760 -16.06 -21.60 -10.01
C LEU A 760 -15.54 -22.94 -9.50
N ALA A 761 -14.63 -22.86 -8.53
CA ALA A 761 -14.04 -24.06 -7.95
C ALA A 761 -15.13 -24.90 -7.28
N GLN A 762 -16.03 -24.25 -6.58
CA GLN A 762 -17.12 -24.94 -5.91
C GLN A 762 -18.01 -25.65 -6.92
N ALA A 763 -18.29 -24.96 -8.04
CA ALA A 763 -19.12 -25.56 -9.08
C ALA A 763 -18.42 -26.79 -9.66
N ILE A 764 -17.12 -26.67 -9.86
CA ILE A 764 -16.34 -27.76 -10.41
C ILE A 764 -16.39 -28.94 -9.46
N LEU A 765 -16.28 -28.67 -8.17
CA LEU A 765 -16.25 -29.75 -7.18
C LEU A 765 -17.55 -30.55 -7.16
N ALA A 766 -18.69 -29.87 -7.23
CA ALA A 766 -19.98 -30.56 -7.23
C ALA A 766 -20.14 -31.43 -8.47
N GLN A 767 -19.78 -30.87 -9.63
CA GLN A 767 -19.78 -31.60 -10.89
C GLN A 767 -18.52 -32.46 -10.98
N GLY A 768 -18.59 -33.58 -11.70
CA GLY A 768 -17.39 -34.37 -11.91
C GLY A 768 -16.50 -33.82 -13.01
N ALA A 769 -15.65 -34.70 -13.52
CA ALA A 769 -15.07 -34.55 -14.82
C ALA A 769 -16.15 -34.98 -15.84
N PRO A 770 -16.02 -34.58 -17.12
CA PRO A 770 -16.94 -35.18 -18.11
C PRO A 770 -16.61 -36.64 -18.35
N GLU A 771 -17.57 -37.37 -18.92
CA GLU A 771 -17.41 -38.81 -19.17
C GLU A 771 -16.06 -39.14 -19.81
N GLY A 772 -15.42 -40.20 -19.32
CA GLY A 772 -14.13 -40.67 -19.85
C GLY A 772 -12.91 -39.92 -19.35
N LEU A 773 -13.13 -38.79 -18.68
CA LEU A 773 -12.04 -37.90 -18.26
C LEU A 773 -11.78 -37.88 -16.76
N HIS A 774 -10.53 -37.70 -16.39
CA HIS A 774 -10.13 -37.50 -15.02
C HIS A 774 -9.60 -36.09 -14.92
N VAL A 775 -10.19 -35.30 -14.03
CA VAL A 775 -9.79 -33.91 -13.85
C VAL A 775 -9.06 -33.76 -12.52
N HIS A 776 -7.86 -33.17 -12.58
CA HIS A 776 -7.11 -32.83 -11.39
C HIS A 776 -7.10 -31.34 -11.27
N LEU A 777 -7.58 -30.81 -10.15
CA LEU A 777 -7.70 -29.38 -9.96
C LEU A 777 -6.71 -28.82 -8.93
N CYS A 778 -6.05 -27.72 -9.28
CA CYS A 778 -5.18 -27.03 -8.34
C CYS A 778 -5.60 -25.59 -8.26
N VAL A 779 -5.95 -25.15 -7.05
CA VAL A 779 -6.42 -23.78 -6.84
C VAL A 779 -5.27 -22.90 -6.36
N TYR A 780 -5.01 -21.84 -7.12
CA TYR A 780 -3.84 -21.01 -6.87
C TYR A 780 -4.16 -19.52 -6.93
N HIS A 781 -4.06 -18.85 -5.78
CA HIS A 781 -4.31 -17.42 -5.68
C HIS A 781 -3.54 -16.83 -4.55
N SER A 782 -3.78 -15.56 -4.25
CA SER A 782 -2.96 -14.83 -3.27
C SER A 782 -3.52 -14.87 -1.86
N ARG A 783 -4.73 -15.41 -1.75
CA ARG A 783 -5.47 -15.54 -0.49
C ARG A 783 -4.79 -16.48 0.50
N HIS A 784 -4.22 -17.56 -0.03
CA HIS A 784 -3.70 -18.65 0.77
C HIS A 784 -2.51 -18.23 1.63
N PRO A 785 -2.30 -18.99 2.79
CA PRO A 785 -1.20 -18.51 3.62
C PRO A 785 0.11 -18.56 2.83
N LEU A 786 1.04 -17.65 3.14
CA LEU A 786 2.16 -17.41 2.25
C LEU A 786 3.06 -18.62 2.03
N LEU A 787 3.35 -19.38 3.09
CA LEU A 787 4.19 -20.55 2.94
C LEU A 787 3.52 -21.60 2.04
N VAL A 788 2.23 -21.81 2.27
CA VAL A 788 1.48 -22.80 1.50
C VAL A 788 1.42 -22.38 0.04
N ARG A 789 1.19 -21.10 -0.19
CA ARG A 789 1.11 -20.59 -1.55
C ARG A 789 2.44 -20.78 -2.24
N SER A 790 3.52 -20.51 -1.51
CA SER A 790 4.85 -20.65 -2.09
C SER A 790 5.11 -22.10 -2.47
N ALA A 791 4.70 -23.02 -1.60
CA ALA A 791 4.89 -24.44 -1.86
C ALA A 791 4.12 -24.85 -3.11
N ILE A 792 2.89 -24.34 -3.22
CA ILE A 792 2.05 -24.68 -4.36
C ILE A 792 2.70 -24.17 -5.64
N GLU A 793 3.24 -22.96 -5.57
CA GLU A 793 3.87 -22.36 -6.74
C GLU A 793 5.07 -23.19 -7.15
N ARG A 794 5.85 -23.64 -6.17
CA ARG A 794 7.03 -24.44 -6.46
C ARG A 794 6.62 -25.74 -7.13
N GLN A 795 5.56 -26.35 -6.62
CA GLN A 795 5.09 -27.61 -7.18
C GLN A 795 4.66 -27.40 -8.63
N LEU A 796 3.95 -26.30 -8.88
CA LEU A 796 3.47 -26.00 -10.22
C LEU A 796 4.65 -25.82 -11.16
N ASP A 797 5.68 -25.13 -10.67
CA ASP A 797 6.85 -24.86 -11.47
C ASP A 797 7.56 -26.16 -11.83
N GLU A 798 7.65 -27.07 -10.87
CA GLU A 798 8.27 -28.36 -11.14
C GLU A 798 7.46 -29.13 -12.18
N LEU A 799 6.15 -29.11 -12.02
CA LEU A 799 5.24 -29.80 -12.93
C LEU A 799 5.22 -29.23 -14.35
N LEU A 800 5.26 -27.91 -14.45
CA LEU A 800 4.91 -27.20 -15.67
C LEU A 800 6.14 -26.79 -16.53
N LYS A 801 7.28 -27.41 -16.29
CA LYS A 801 8.36 -27.24 -17.23
C LYS A 801 7.97 -28.07 -18.45
N ARG A 802 8.08 -27.48 -19.64
CA ARG A 802 7.73 -28.19 -20.87
C ARG A 802 8.88 -28.16 -21.86
N SER A 803 9.22 -29.32 -22.41
CA SER A 803 10.28 -29.43 -23.38
C SER A 803 9.85 -30.36 -24.51
N ASP A 804 10.46 -30.20 -25.69
CA ASP A 804 10.07 -31.03 -26.81
C ASP A 804 10.38 -32.47 -26.44
N ASP A 805 9.48 -33.38 -26.81
CA ASP A 805 9.63 -34.78 -26.47
C ASP A 805 9.65 -34.97 -24.96
N ASP A 806 8.96 -34.06 -24.26
CA ASP A 806 8.91 -34.08 -22.80
C ASP A 806 7.67 -34.76 -22.22
N ALA A 807 6.78 -35.25 -23.09
CA ALA A 807 5.57 -35.91 -22.61
C ALA A 807 5.89 -37.18 -21.82
N ALA A 808 6.83 -37.96 -22.34
CA ALA A 808 7.23 -39.20 -21.69
C ALA A 808 7.88 -38.92 -20.34
N ALA A 809 8.70 -37.88 -20.29
CA ALA A 809 9.35 -37.45 -19.06
C ALA A 809 8.31 -37.01 -18.05
N LEU A 810 7.29 -36.32 -18.54
CA LEU A 810 6.20 -35.85 -17.70
C LEU A 810 5.48 -37.05 -17.10
N PHE A 811 5.28 -38.08 -17.92
CA PHE A 811 4.64 -39.31 -17.45
C PHE A 811 5.50 -39.96 -16.37
N ALA A 812 6.81 -39.96 -16.61
CA ALA A 812 7.78 -40.51 -15.67
C ALA A 812 7.76 -39.76 -14.35
N ARG A 813 7.57 -38.45 -14.46
CA ARG A 813 7.61 -37.52 -13.32
C ARG A 813 6.51 -37.87 -12.35
N PRO A 814 6.77 -37.67 -11.06
CA PRO A 814 6.05 -38.37 -10.00
C PRO A 814 4.57 -38.10 -9.99
N THR A 815 4.11 -36.88 -10.17
CA THR A 815 2.67 -36.64 -10.15
C THR A 815 1.99 -37.41 -11.28
N LEU A 816 2.61 -37.37 -12.45
CA LEU A 816 2.08 -38.06 -13.61
C LEU A 816 2.06 -39.57 -13.39
N ALA A 817 3.13 -40.07 -12.80
CA ALA A 817 3.24 -41.50 -12.57
C ALA A 817 2.12 -41.90 -11.62
N LYS A 818 1.90 -41.08 -10.61
CA LYS A 818 0.89 -41.37 -9.62
C LYS A 818 -0.48 -41.40 -10.28
N ALA A 819 -0.74 -40.43 -11.15
CA ALA A 819 -2.04 -40.37 -11.79
C ALA A 819 -2.23 -41.64 -12.61
N LEU A 820 -1.19 -42.02 -13.34
CA LEU A 820 -1.30 -43.19 -14.20
C LEU A 820 -1.57 -44.45 -13.40
N GLN A 821 -0.87 -44.59 -12.29
CA GLN A 821 -1.04 -45.77 -11.45
C GLN A 821 -2.43 -45.82 -10.87
N ALA A 822 -2.90 -44.65 -10.44
CA ALA A 822 -4.10 -44.54 -9.62
C ALA A 822 -5.39 -44.97 -10.29
N SER A 823 -5.54 -44.58 -11.55
CA SER A 823 -6.80 -44.73 -12.28
C SER A 823 -6.65 -45.34 -13.67
N THR A 824 -7.62 -46.16 -14.03
CA THR A 824 -7.66 -46.82 -15.33
C THR A 824 -7.78 -45.85 -16.50
N GLU A 825 -8.58 -44.80 -16.34
CA GLU A 825 -8.95 -43.96 -17.46
C GLU A 825 -7.74 -43.33 -18.14
N ARG A 826 -7.74 -43.38 -19.46
CA ARG A 826 -6.63 -42.90 -20.28
C ARG A 826 -6.40 -41.40 -20.19
N ASP A 827 -7.48 -40.64 -20.14
CA ASP A 827 -7.43 -39.21 -20.38
C ASP A 827 -7.42 -38.40 -19.09
N HIS A 828 -6.32 -37.66 -18.90
CA HIS A 828 -6.11 -36.84 -17.70
C HIS A 828 -5.90 -35.38 -18.01
N LEU A 829 -6.68 -34.55 -17.33
CA LEU A 829 -6.55 -33.10 -17.42
C LEU A 829 -6.03 -32.50 -16.10
N PHE A 830 -4.80 -32.01 -16.11
CA PHE A 830 -4.27 -31.30 -14.95
C PHE A 830 -4.51 -29.80 -15.12
N VAL A 831 -5.18 -29.19 -14.16
CA VAL A 831 -5.79 -27.88 -14.36
C VAL A 831 -5.51 -26.97 -13.18
N VAL A 832 -5.06 -25.76 -13.47
CA VAL A 832 -4.80 -24.76 -12.46
C VAL A 832 -5.85 -23.69 -12.60
N LEU A 833 -6.59 -23.45 -11.53
CA LEU A 833 -7.54 -22.35 -11.46
C LEU A 833 -6.84 -21.27 -10.64
N ALA A 834 -6.59 -20.14 -11.27
CA ALA A 834 -5.70 -19.14 -10.71
C ALA A 834 -6.24 -17.73 -10.82
N SER A 835 -5.70 -16.89 -9.93
CA SER A 835 -5.78 -15.43 -10.03
C SER A 835 -4.63 -14.71 -10.76
N PRO A 836 -4.76 -13.39 -10.74
CA PRO A 836 -3.88 -12.49 -11.48
C PRO A 836 -2.41 -12.60 -11.08
N VAL A 837 -2.11 -12.76 -9.80
CA VAL A 837 -0.70 -12.83 -9.39
C VAL A 837 0.03 -14.03 -9.99
N ALA A 838 -0.66 -15.16 -9.97
CA ALA A 838 -0.11 -16.37 -10.56
C ALA A 838 0.05 -16.10 -12.05
N GLU A 839 -0.94 -15.46 -12.64
CA GLU A 839 -0.86 -15.20 -14.07
C GLU A 839 0.38 -14.35 -14.38
N VAL A 840 0.56 -13.31 -13.57
CA VAL A 840 1.65 -12.35 -13.72
C VAL A 840 3.02 -12.95 -13.53
N GLY A 841 3.15 -13.84 -12.54
CA GLY A 841 4.40 -14.50 -12.27
C GLY A 841 4.29 -16.01 -12.33
N ARG A 842 5.21 -16.61 -13.08
CA ARG A 842 5.37 -18.07 -13.26
C ARG A 842 5.88 -18.34 -14.68
N ASP A 843 7.04 -18.99 -14.77
CA ASP A 843 7.55 -19.38 -16.06
C ASP A 843 6.93 -20.72 -16.39
N HIS A 844 5.64 -20.70 -16.71
CA HIS A 844 4.91 -21.93 -16.98
C HIS A 844 4.35 -21.95 -18.40
N ASP A 845 4.59 -23.06 -19.11
CA ASP A 845 4.05 -23.20 -20.46
C ASP A 845 2.89 -24.18 -20.43
N TYR A 846 1.74 -23.74 -20.93
CA TYR A 846 0.50 -24.50 -20.78
C TYR A 846 -0.08 -24.92 -22.12
N ASP A 847 -0.61 -26.14 -22.17
CA ASP A 847 -1.18 -26.68 -23.40
C ASP A 847 -2.37 -25.85 -23.85
N TRP A 848 -3.19 -25.43 -22.91
CA TRP A 848 -4.34 -24.58 -23.24
C TRP A 848 -4.76 -23.75 -22.07
N ALA A 849 -5.67 -22.80 -22.31
CA ALA A 849 -6.15 -21.94 -21.22
C ALA A 849 -7.54 -21.37 -21.51
N ILE A 850 -8.34 -21.23 -20.46
CA ILE A 850 -9.62 -20.53 -20.58
C ILE A 850 -9.50 -19.32 -19.67
N VAL A 851 -9.71 -18.13 -20.25
CA VAL A 851 -9.34 -16.90 -19.58
C VAL A 851 -10.52 -15.93 -19.49
N GLU A 852 -10.81 -15.47 -18.28
CA GLU A 852 -11.73 -14.37 -18.08
C GLU A 852 -10.99 -13.06 -18.38
N PRO A 853 -11.58 -12.21 -19.23
CA PRO A 853 -10.89 -10.99 -19.66
C PRO A 853 -10.96 -9.86 -18.65
N SER A 854 -9.73 -9.46 -18.33
CA SER A 854 -9.22 -8.21 -17.79
C SER A 854 -8.01 -7.72 -18.62
N SER A 855 -8.33 -7.08 -19.73
CA SER A 855 -7.41 -6.19 -20.43
C SER A 855 -6.30 -6.81 -21.29
N MET A 856 -5.50 -5.90 -21.82
CA MET A 856 -4.37 -6.24 -22.66
C MET A 856 -3.41 -7.06 -21.83
N ARG A 857 -3.26 -6.67 -20.57
CA ARG A 857 -2.36 -7.41 -19.70
C ARG A 857 -2.81 -8.85 -19.53
N SER A 858 -4.11 -9.07 -19.30
CA SER A 858 -4.55 -10.44 -19.13
C SER A 858 -4.22 -11.18 -20.42
N ILE A 859 -4.51 -10.54 -21.55
CA ILE A 859 -4.31 -11.24 -22.81
C ILE A 859 -2.84 -11.64 -23.03
N ILE A 860 -1.93 -10.71 -22.77
CA ILE A 860 -0.51 -10.98 -23.00
C ILE A 860 -0.01 -12.10 -22.10
N GLN A 861 -0.42 -12.06 -20.84
CA GLN A 861 0.08 -13.08 -19.92
C GLN A 861 -0.40 -14.43 -20.41
N LEU A 862 -1.66 -14.45 -20.83
CA LEU A 862 -2.25 -15.70 -21.25
C LEU A 862 -1.48 -16.23 -22.45
N ALA A 863 -1.15 -15.37 -23.39
CA ALA A 863 -0.42 -15.81 -24.57
C ALA A 863 0.96 -16.39 -24.24
N GLY A 864 1.68 -15.74 -23.32
CA GLY A 864 2.98 -16.25 -22.96
C GLY A 864 2.88 -17.63 -22.32
N ARG A 865 1.88 -17.78 -21.45
CA ARG A 865 1.71 -19.06 -20.79
C ARG A 865 1.41 -20.11 -21.85
N ILE A 866 0.55 -19.73 -22.79
CA ILE A 866 0.03 -20.61 -23.80
C ILE A 866 1.20 -21.14 -24.60
N ARG A 867 2.22 -20.32 -24.80
CA ARG A 867 3.43 -20.85 -25.44
C ARG A 867 4.71 -20.61 -24.63
N ARG A 868 4.78 -21.19 -23.43
CA ARG A 868 5.97 -20.99 -22.60
C ARG A 868 7.26 -21.58 -23.16
N HIS A 869 7.22 -22.83 -23.61
CA HIS A 869 8.44 -23.50 -24.05
C HIS A 869 8.44 -24.25 -25.39
N ARG A 870 7.28 -24.44 -26.00
CA ARG A 870 7.20 -25.38 -27.11
C ARG A 870 7.05 -24.74 -28.49
N SER A 871 7.99 -25.06 -29.37
CA SER A 871 7.99 -24.56 -30.74
C SER A 871 6.87 -25.15 -31.58
N GLY A 872 6.32 -24.33 -32.47
CA GLY A 872 5.32 -24.77 -33.43
C GLY A 872 3.90 -24.59 -32.94
N PHE A 873 2.98 -24.47 -33.89
CA PHE A 873 1.56 -24.29 -33.57
C PHE A 873 0.70 -25.31 -34.30
N SER A 874 -0.22 -25.91 -33.58
CA SER A 874 -1.19 -26.81 -34.18
C SER A 874 -2.02 -26.00 -35.16
N GLY A 875 -2.33 -24.77 -34.76
CA GLY A 875 -3.14 -23.86 -35.54
C GLY A 875 -4.60 -24.03 -35.21
N GLU A 876 -4.90 -25.05 -34.43
CA GLU A 876 -6.20 -25.19 -33.80
C GLU A 876 -6.23 -24.24 -32.62
N ALA A 877 -7.42 -23.84 -32.19
CA ALA A 877 -7.52 -22.91 -31.07
C ALA A 877 -7.04 -23.54 -29.74
N ASN A 878 -6.17 -22.84 -29.03
CA ASN A 878 -5.68 -23.32 -27.74
C ASN A 878 -5.93 -22.37 -26.58
N LEU A 879 -6.54 -21.23 -26.87
CA LEU A 879 -6.84 -20.21 -25.86
C LEU A 879 -8.26 -19.73 -26.02
N TYR A 880 -9.05 -19.85 -24.97
CA TYR A 880 -10.46 -19.45 -25.01
C TYR A 880 -10.70 -18.23 -24.13
N LEU A 881 -11.39 -17.24 -24.67
CA LEU A 881 -11.66 -16.00 -23.94
C LEU A 881 -13.15 -15.88 -23.75
N LEU A 882 -13.56 -15.36 -22.58
CA LEU A 882 -14.99 -14.95 -22.30
C LEU A 882 -15.57 -13.48 -22.62
N SER A 883 -16.89 -13.42 -22.88
CA SER A 883 -17.66 -12.20 -23.31
C SER A 883 -17.93 -10.86 -22.50
N ARG A 884 -18.30 -10.93 -21.24
CA ARG A 884 -18.54 -9.69 -20.48
C ARG A 884 -17.88 -9.95 -19.20
N ASN A 885 -17.35 -8.94 -18.51
CA ASN A 885 -16.56 -9.23 -17.32
C ASN A 885 -17.53 -9.86 -16.36
N ILE A 886 -17.04 -10.63 -15.39
CA ILE A 886 -17.93 -11.43 -14.55
C ILE A 886 -18.90 -10.45 -13.91
N ARG A 887 -18.39 -9.28 -13.61
CA ARG A 887 -19.22 -8.17 -13.20
C ARG A 887 -20.19 -7.86 -14.32
N SER A 888 -19.76 -8.00 -15.58
CA SER A 888 -20.64 -7.79 -16.72
C SER A 888 -21.80 -8.78 -16.82
N LEU A 889 -21.54 -10.04 -16.50
CA LEU A 889 -22.59 -11.05 -16.39
C LEU A 889 -23.53 -10.70 -15.25
N GLU A 890 -22.94 -10.23 -14.16
CA GLU A 890 -23.66 -9.49 -13.13
C GLU A 890 -24.15 -8.23 -13.81
N GLY A 891 -23.35 -7.72 -14.73
CA GLY A 891 -23.64 -6.48 -15.42
C GLY A 891 -22.99 -5.28 -14.75
N GLN A 892 -22.15 -5.55 -13.76
CA GLN A 892 -21.47 -4.48 -13.05
C GLN A 892 -20.58 -3.69 -14.01
N ASN A 893 -20.61 -2.36 -13.86
CA ASN A 893 -19.82 -1.48 -14.70
C ASN A 893 -19.09 -0.40 -13.91
N PRO A 894 -17.93 0.04 -14.39
CA PRO A 894 -17.35 -0.41 -15.65
C PRO A 894 -16.99 -1.88 -15.59
N ALA A 895 -17.10 -2.56 -16.73
CA ALA A 895 -16.90 -4.00 -16.76
C ALA A 895 -15.49 -4.40 -16.34
N PHE A 896 -14.49 -3.65 -16.78
CA PHE A 896 -13.12 -4.00 -16.40
C PHE A 896 -12.59 -3.06 -15.33
N GLN A 897 -12.38 -3.60 -14.14
CA GLN A 897 -11.79 -2.86 -13.03
C GLN A 897 -11.24 -3.84 -11.99
N ARG A 898 -10.36 -3.37 -11.13
CA ARG A 898 -9.97 -4.15 -9.97
C ARG A 898 -9.51 -5.55 -10.36
N PRO A 899 -8.69 -5.67 -11.40
CA PRO A 899 -8.06 -4.53 -12.06
C PRO A 899 -8.68 -4.27 -13.41
N GLY A 900 -9.13 -3.03 -13.62
CA GLY A 900 -9.64 -2.61 -14.90
C GLY A 900 -8.96 -1.34 -15.37
N PHE A 901 -8.51 -1.31 -16.62
CA PHE A 901 -7.94 -0.10 -17.15
C PHE A 901 -9.05 0.93 -17.14
N GLU A 902 -10.26 0.45 -17.40
CA GLU A 902 -11.44 1.31 -17.49
C GLU A 902 -11.78 1.99 -16.16
N THR A 903 -12.28 3.21 -16.26
CA THR A 903 -12.68 3.98 -15.10
C THR A 903 -14.08 4.49 -15.37
N PRO A 904 -14.84 4.77 -14.33
CA PRO A 904 -16.25 5.09 -14.51
C PRO A 904 -16.46 6.32 -15.38
N ASP A 905 -15.66 7.36 -15.18
CA ASP A 905 -15.81 8.56 -15.99
C ASP A 905 -15.53 8.28 -17.46
N PHE A 906 -14.46 7.53 -17.73
CA PHE A 906 -14.08 7.20 -19.09
C PHE A 906 -14.82 5.97 -19.58
N PRO A 907 -16.15 6.10 -19.73
CA PRO A 907 -17.00 4.97 -20.09
C PRO A 907 -16.76 4.46 -21.50
N LEU A 908 -16.92 3.16 -21.69
CA LEU A 908 -16.83 2.53 -23.00
C LEU A 908 -18.23 2.17 -23.43
N ASP A 909 -18.62 2.53 -24.65
CA ASP A 909 -20.01 2.45 -25.07
C ASP A 909 -20.61 1.05 -25.04
N SER A 910 -19.85 0.05 -25.48
CA SER A 910 -20.36 -1.32 -25.50
C SER A 910 -19.56 -2.25 -24.60
N HIS A 911 -20.28 -2.94 -23.71
CA HIS A 911 -19.69 -3.88 -22.77
C HIS A 911 -19.02 -5.09 -23.42
N ASP A 912 -19.66 -5.61 -24.47
CA ASP A 912 -19.29 -6.91 -25.01
C ASP A 912 -17.86 -7.00 -25.50
N LEU A 913 -17.22 -8.11 -25.20
CA LEU A 913 -15.83 -8.36 -25.60
C LEU A 913 -15.65 -8.45 -27.11
N HIS A 914 -16.60 -9.06 -27.79
CA HIS A 914 -16.44 -9.37 -29.21
C HIS A 914 -16.25 -8.11 -30.04
N ASP A 915 -17.03 -7.08 -29.74
CA ASP A 915 -16.84 -5.79 -30.39
C ASP A 915 -15.49 -5.18 -30.04
N LEU A 916 -15.10 -5.31 -28.77
CA LEU A 916 -13.95 -4.58 -28.23
C LEU A 916 -12.60 -4.90 -28.86
N LEU A 917 -12.35 -6.17 -29.14
CA LEU A 917 -11.07 -6.59 -29.72
C LEU A 917 -11.13 -6.72 -31.24
N ASP A 918 -10.17 -6.13 -31.92
CA ASP A 918 -10.08 -6.14 -33.38
C ASP A 918 -9.71 -7.52 -33.92
N PRO A 919 -10.15 -7.81 -35.15
CA PRO A 919 -9.91 -9.10 -35.76
C PRO A 919 -8.41 -9.41 -35.75
N ALA A 920 -7.60 -8.39 -36.02
CA ALA A 920 -6.14 -8.52 -35.98
C ALA A 920 -5.66 -8.89 -34.57
N LEU A 921 -6.27 -8.29 -33.56
CA LEU A 921 -5.95 -8.60 -32.17
C LEU A 921 -6.31 -10.06 -31.91
N LEU A 922 -7.42 -10.48 -32.49
CA LEU A 922 -7.92 -11.83 -32.36
C LEU A 922 -6.93 -12.81 -32.94
N ALA A 923 -6.30 -12.45 -34.05
CA ALA A 923 -5.32 -13.35 -34.65
C ALA A 923 -3.89 -12.99 -34.26
N ARG A 924 -3.14 -14.02 -33.88
CA ARG A 924 -1.74 -13.85 -33.60
C ARG A 924 -1.64 -12.80 -32.53
N ILE A 925 -2.53 -12.89 -31.55
CA ILE A 925 -2.56 -11.90 -30.49
C ILE A 925 -1.19 -11.92 -29.85
N ASP A 926 -0.67 -10.74 -29.65
CA ASP A 926 0.70 -10.55 -29.24
C ASP A 926 0.73 -9.18 -28.60
N ALA A 927 1.85 -8.84 -27.98
CA ALA A 927 1.92 -7.58 -27.28
C ALA A 927 1.67 -6.47 -28.30
N SER A 928 2.19 -6.62 -29.51
CA SER A 928 2.09 -5.48 -30.41
C SER A 928 0.97 -4.50 -30.07
N PRO A 929 -0.20 -5.00 -29.68
CA PRO A 929 -1.31 -4.09 -29.40
C PRO A 929 -0.96 -3.15 -28.26
N ARG A 930 -0.36 -3.68 -27.21
CA ARG A 930 0.12 -2.87 -26.09
C ARG A 930 1.26 -1.92 -26.45
N ILE A 931 2.20 -2.39 -27.26
CA ILE A 931 3.46 -1.67 -27.49
C ILE A 931 3.28 -0.29 -28.12
N VAL A 932 2.31 -0.19 -29.02
CA VAL A 932 1.80 1.08 -29.51
C VAL A 932 1.12 1.77 -28.34
N GLU A 933 1.15 3.10 -28.30
CA GLU A 933 1.51 3.93 -29.46
C GLU A 933 0.54 3.71 -30.61
N PRO A 934 -0.74 3.57 -30.29
CA PRO A 934 -1.78 3.39 -31.30
C PRO A 934 -2.69 4.61 -31.42
N PHE A 935 -2.80 5.14 -32.63
CA PHE A 935 -3.66 6.28 -32.91
C PHE A 935 -4.33 6.12 -34.29
N PRO A 936 -5.59 6.71 -34.55
CA PRO A 936 -6.22 7.40 -33.43
C PRO A 936 -7.37 6.57 -32.87
N LEU A 937 -7.30 6.26 -31.59
CA LEU A 937 -8.29 5.43 -30.93
C LEU A 937 -9.62 6.15 -30.75
N PHE A 938 -10.70 5.37 -30.71
CA PHE A 938 -12.02 5.91 -30.38
C PHE A 938 -12.40 5.44 -28.97
N PRO A 939 -12.67 6.41 -28.10
CA PRO A 939 -12.92 6.13 -26.69
C PRO A 939 -13.56 4.78 -26.48
N ARG A 940 -14.56 4.44 -27.27
CA ARG A 940 -15.19 3.12 -27.17
C ARG A 940 -14.78 2.18 -28.30
N SER A 941 -13.88 2.65 -29.17
CA SER A 941 -13.50 1.91 -30.37
C SER A 941 -12.60 0.70 -30.10
N ARG A 942 -11.65 0.87 -29.18
CA ARG A 942 -10.70 -0.20 -28.89
C ARG A 942 -10.51 -0.34 -27.38
N LEU A 943 -10.59 -1.57 -26.88
CA LEU A 943 -10.36 -1.80 -25.47
C LEU A 943 -8.92 -1.39 -25.17
N VAL A 944 -8.03 -1.75 -26.08
CA VAL A 944 -6.64 -1.34 -25.97
C VAL A 944 -6.58 0.18 -26.06
N ASP A 945 -7.40 0.72 -26.95
CA ASP A 945 -7.45 2.16 -27.17
C ASP A 945 -7.85 2.87 -25.88
N LEU A 946 -8.83 2.31 -25.21
CA LEU A 946 -9.34 2.88 -23.97
C LEU A 946 -8.21 2.86 -22.96
N GLU A 947 -7.46 1.76 -22.93
CA GLU A 947 -6.39 1.65 -21.97
C GLU A 947 -5.37 2.75 -22.23
N HIS A 948 -5.00 2.95 -23.49
CA HIS A 948 -3.97 3.94 -23.76
C HIS A 948 -4.46 5.31 -23.33
N ARG A 949 -5.72 5.60 -23.65
CA ARG A 949 -6.23 6.92 -23.36
C ARG A 949 -6.22 7.14 -21.85
N ARG A 950 -6.69 6.16 -21.11
CA ARG A 950 -6.81 6.31 -19.66
C ARG A 950 -5.42 6.51 -19.08
N LEU A 951 -4.48 5.75 -19.62
CA LEU A 951 -3.13 5.71 -19.10
C LEU A 951 -2.49 7.08 -19.20
N ARG A 952 -2.74 7.75 -20.36
CA ARG A 952 -2.39 9.17 -20.69
C ARG A 952 -3.13 10.28 -19.89
N ALA A 953 -4.42 10.06 -19.69
CA ALA A 953 -5.18 10.89 -18.76
C ALA A 953 -4.41 10.82 -17.42
N LEU A 954 -3.77 9.68 -17.22
CA LEU A 954 -2.42 9.59 -16.72
C LEU A 954 -1.09 9.91 -17.50
N MET A 955 -0.25 10.52 -16.67
CA MET A 955 1.09 10.95 -17.08
C MET A 955 1.05 12.36 -17.66
N LEU A 956 2.00 12.65 -18.54
CA LEU A 956 2.13 13.98 -19.12
C LEU A 956 0.88 14.36 -19.92
N ALA A 957 0.36 13.40 -20.68
CA ALA A 957 -0.82 13.63 -21.51
C ALA A 957 -0.60 14.81 -22.45
N SER A 963 -8.75 16.44 -10.78
CA SER A 963 -8.18 15.53 -9.78
C SER A 963 -6.91 14.87 -10.30
N LEU A 964 -6.14 15.62 -11.08
CA LEU A 964 -4.92 15.09 -11.67
C LEU A 964 -3.72 16.00 -11.44
N LEU A 965 -3.20 16.01 -10.23
CA LEU A 965 -2.00 16.81 -9.93
C LEU A 965 -0.82 16.35 -10.77
N GLY A 966 -0.45 17.12 -11.79
CA GLY A 966 0.50 16.60 -12.74
C GLY A 966 1.82 16.13 -12.14
N VAL A 967 2.25 14.96 -12.62
CA VAL A 967 3.49 14.33 -12.18
C VAL A 967 4.63 15.26 -12.53
N PRO A 968 4.51 15.92 -13.67
CA PRO A 968 5.51 16.91 -14.07
C PRO A 968 5.53 18.02 -13.03
N LEU A 969 4.36 18.40 -12.52
CA LEU A 969 4.27 19.42 -11.49
C LEU A 969 5.00 18.99 -10.24
N TRP A 970 4.81 17.73 -9.85
CA TRP A 970 5.49 17.21 -8.68
C TRP A 970 6.99 17.25 -8.89
N TRP A 971 7.44 16.91 -10.09
CA TRP A 971 8.86 16.93 -10.38
C TRP A 971 9.44 18.35 -10.30
N GLN A 972 8.68 19.32 -10.81
CA GLN A 972 9.12 20.72 -10.88
C GLN A 972 9.35 21.42 -9.54
N THR A 973 8.47 21.10 -8.59
CA THR A 973 8.22 21.90 -7.38
C THR A 973 8.85 21.24 -6.14
N PRO A 974 8.79 21.96 -5.03
CA PRO A 974 9.18 21.39 -3.75
C PRO A 974 8.02 20.57 -3.20
N ALA A 975 7.71 19.49 -3.92
CA ALA A 975 6.84 18.43 -3.46
C ALA A 975 7.46 17.70 -2.28
N SER A 976 8.78 17.58 -2.33
CA SER A 976 9.55 16.76 -1.41
C SER A 976 9.31 17.26 0.01
N LEU A 977 9.05 18.54 0.12
CA LEU A 977 8.81 19.16 1.41
C LEU A 977 7.61 18.57 2.13
N SER A 978 6.57 18.21 1.38
CA SER A 978 5.29 17.91 1.99
C SER A 978 4.88 16.49 1.64
N GLY A 979 3.73 16.08 2.16
CA GLY A 979 3.12 14.81 1.78
C GLY A 979 1.88 15.01 0.93
N ALA A 980 1.74 16.22 0.42
CA ALA A 980 0.54 16.64 -0.30
C ALA A 980 0.31 15.90 -1.61
N LEU A 981 1.38 15.72 -2.38
CA LEU A 981 1.28 14.98 -3.62
C LEU A 981 0.90 13.54 -3.32
N GLN A 982 1.51 12.97 -2.29
CA GLN A 982 1.23 11.60 -1.93
C GLN A 982 -0.22 11.46 -1.52
N THR A 983 -0.71 12.42 -0.73
CA THR A 983 -2.10 12.39 -0.27
C THR A 983 -3.04 12.49 -1.48
N SER A 984 -2.66 13.33 -2.42
CA SER A 984 -3.43 13.54 -3.65
C SER A 984 -3.52 12.28 -4.50
N GLN A 985 -2.43 11.52 -4.60
CA GLN A 985 -2.42 10.33 -5.44
C GLN A 985 -1.89 9.13 -4.68
N PRO A 986 -2.69 8.59 -3.78
CA PRO A 986 -2.19 7.57 -2.84
C PRO A 986 -1.89 6.24 -3.47
N PHE A 987 -0.80 5.63 -3.01
CA PHE A 987 -0.39 4.31 -3.42
C PHE A 987 -1.21 3.26 -2.69
N ARG A 988 -1.55 2.19 -3.40
CA ARG A 988 -2.39 1.12 -2.87
C ARG A 988 -3.75 1.65 -2.45
N ALA A 989 -4.34 2.48 -3.30
CA ALA A 989 -5.63 3.08 -3.02
C ALA A 989 -6.71 2.01 -2.85
N GLY A 990 -7.61 2.26 -1.92
CA GLY A 990 -8.60 1.28 -1.51
C GLY A 990 -8.12 0.65 -0.21
N ALA A 991 -9.04 0.09 0.55
CA ALA A 991 -8.71 -0.43 1.87
C ALA A 991 -7.74 -1.59 1.77
N LYS A 992 -6.85 -1.71 2.75
CA LYS A 992 -5.92 -2.82 2.79
C LYS A 992 -6.20 -3.71 3.99
N GLU A 993 -6.38 -5.01 3.74
CA GLU A 993 -6.61 -5.98 4.80
C GLU A 993 -5.36 -6.12 5.66
N ARG A 994 -5.55 -6.32 6.95
CA ARG A 994 -4.46 -6.27 7.92
C ARG A 994 -3.33 -7.30 7.87
N CYS A 995 -3.63 -8.58 7.63
CA CYS A 995 -2.64 -9.61 7.99
C CYS A 995 -3.11 -10.59 9.08
N TYR A 996 -3.26 -11.85 8.70
CA TYR A 996 -3.78 -12.88 9.60
C TYR A 996 -2.99 -14.18 9.41
N ALA A 997 -3.15 -15.09 10.37
CA ALA A 997 -2.48 -16.39 10.29
C ALA A 997 -3.19 -17.48 11.09
N LEU A 998 -2.98 -18.72 10.65
CA LEU A 998 -3.36 -19.88 11.44
C LEU A 998 -2.19 -20.19 12.38
N LEU A 999 -2.33 -19.76 13.62
CA LEU A 999 -1.27 -19.87 14.63
C LEU A 999 -1.39 -21.08 15.55
N PRO A 1000 -0.32 -21.89 15.66
CA PRO A 1000 -0.23 -22.89 16.71
C PRO A 1000 -0.23 -22.19 18.06
N ASP A 1001 -1.04 -22.68 18.99
CA ASP A 1001 -1.25 -22.02 20.28
C ASP A 1001 0.03 -21.89 21.11
N GLU A 1002 0.14 -20.75 21.79
CA GLU A 1002 1.29 -20.42 22.63
C GLU A 1002 1.61 -21.52 23.65
N ASP A 1003 0.56 -22.18 24.15
CA ASP A 1003 0.70 -23.29 25.11
C ASP A 1003 0.85 -24.64 24.42
N ASP A 1004 -0.03 -24.91 23.46
CA ASP A 1004 -0.17 -26.23 22.85
C ASP A 1004 0.08 -26.15 21.34
N GLU A 1005 1.15 -26.79 20.90
CA GLU A 1005 1.54 -26.84 19.49
C GLU A 1005 0.52 -27.48 18.54
N GLU A 1006 -0.34 -28.34 19.07
CA GLU A 1006 -1.25 -29.14 18.24
C GLU A 1006 -2.62 -28.50 17.99
N ARG A 1007 -2.91 -27.44 18.72
CA ARG A 1007 -4.13 -26.66 18.52
C ARG A 1007 -3.81 -25.41 17.68
N LEU A 1008 -4.66 -25.12 16.69
CA LEU A 1008 -4.51 -23.93 15.84
C LEU A 1008 -5.54 -22.86 16.13
N HIS A 1009 -5.11 -21.60 16.10
CA HIS A 1009 -6.02 -20.49 16.22
C HIS A 1009 -5.85 -19.51 15.10
N PHE A 1010 -6.96 -19.09 14.53
CA PHE A 1010 -6.97 -18.03 13.55
C PHE A 1010 -6.71 -16.71 14.29
N SER A 1011 -5.67 -16.00 13.88
CA SER A 1011 -5.19 -14.85 14.65
C SER A 1011 -4.92 -13.64 13.76
N ARG A 1012 -5.09 -12.45 14.35
CA ARG A 1012 -4.83 -11.21 13.65
C ARG A 1012 -3.59 -10.52 14.23
N TYR A 1013 -2.67 -10.12 13.37
CA TYR A 1013 -1.52 -9.33 13.81
C TYR A 1013 -1.95 -7.92 14.17
N GLU A 1014 -1.63 -7.52 15.40
CA GLU A 1014 -1.98 -6.20 15.92
C GLU A 1014 -0.75 -5.30 15.85
N GLU A 1015 -0.06 -5.13 16.96
CA GLU A 1015 1.10 -4.24 17.00
C GLU A 1015 2.22 -4.87 17.81
N GLY A 1016 2.84 -5.89 17.24
CA GLY A 1016 3.94 -6.59 17.89
C GLY A 1016 3.46 -7.82 18.63
N THR A 1017 2.15 -8.08 18.53
CA THR A 1017 1.54 -9.26 19.13
C THR A 1017 0.34 -9.75 18.28
N TRP A 1018 -0.04 -11.01 18.41
CA TRP A 1018 -1.74 -11.40 17.92
C TRP A 1018 -3.22 -11.62 18.94
N SER A 1019 -4.47 -10.88 18.73
CA SER A 1019 -5.92 -11.11 19.45
C SER A 1019 -6.81 -12.35 19.03
N ASN A 1020 -7.67 -13.05 19.80
CA ASN A 1020 -8.31 -14.32 19.40
C ASN A 1020 -9.25 -14.14 18.19
N GLN A 1021 -9.00 -14.95 17.24
CA GLN A 1021 -9.67 -14.90 15.95
C GLN A 1021 -10.82 -15.87 15.87
N ASP A 1022 -10.94 -16.62 16.90
CA ASP A 1022 -11.73 -17.75 16.84
C ASP A 1022 -13.09 -17.42 16.60
N ASN A 1023 -13.54 -16.34 17.20
CA ASN A 1023 -14.72 -16.17 17.21
C ASN A 1023 -15.38 -16.06 15.85
N LEU A 1024 -14.81 -15.18 15.03
CA LEU A 1024 -15.27 -14.90 13.68
C LEU A 1024 -15.20 -15.95 12.55
N LEU A 1025 -14.11 -16.73 12.44
CA LEU A 1025 -13.74 -17.48 11.20
C LEU A 1025 -14.43 -18.86 10.99
N ARG A 1026 -15.15 -19.00 9.88
CA ARG A 1026 -15.95 -20.21 9.58
C ARG A 1026 -15.25 -21.13 8.55
N ASN A 1027 -15.16 -22.42 8.90
CA ASN A 1027 -14.36 -23.37 8.11
C ASN A 1027 -15.14 -24.42 7.35
N LEU A 1028 -14.92 -24.50 6.03
CA LEU A 1028 -15.83 -25.22 5.16
C LEU A 1028 -15.22 -26.28 4.26
N ASP A 1029 -15.85 -27.47 4.26
CA ASP A 1029 -15.49 -28.57 3.37
C ASP A 1029 -15.97 -28.37 1.93
N LEU A 1030 -15.24 -28.97 0.99
CA LEU A 1030 -15.63 -28.94 -0.41
C LEU A 1030 -15.93 -30.34 -0.92
N THR A 1031 -17.12 -30.52 -1.50
CA THR A 1031 -17.53 -31.80 -2.06
C THR A 1031 -16.67 -32.13 -3.27
N TYR A 1032 -16.44 -33.40 -3.54
CA TYR A 1032 -15.61 -33.79 -4.67
C TYR A 1032 -16.40 -34.49 -5.78
N GLY A 1033 -16.26 -33.99 -7.00
CA GLY A 1033 -16.94 -34.53 -8.16
C GLY A 1033 -16.41 -35.86 -8.68
N PRO A 1034 -17.27 -36.62 -9.35
CA PRO A 1034 -16.87 -37.91 -9.90
C PRO A 1034 -15.64 -37.77 -10.80
N ARG A 1035 -14.73 -38.72 -10.73
CA ARG A 1035 -13.48 -38.66 -11.48
C ARG A 1035 -12.72 -37.33 -11.33
N ILE A 1036 -12.87 -36.69 -10.18
CA ILE A 1036 -12.14 -35.47 -9.89
C ILE A 1036 -11.32 -35.60 -8.60
N GLN A 1037 -10.15 -34.98 -8.58
CA GLN A 1037 -9.35 -34.81 -7.37
C GLN A 1037 -8.54 -33.51 -7.44
N THR A 1038 -7.80 -33.19 -6.38
CA THR A 1038 -6.94 -32.02 -6.39
C THR A 1038 -5.49 -32.40 -6.61
N TRP A 1039 -4.68 -31.45 -7.05
CA TRP A 1039 -3.24 -31.63 -7.12
C TRP A 1039 -2.55 -30.34 -6.77
N GLY A 1040 -1.23 -30.41 -6.61
CA GLY A 1040 -0.45 -29.27 -6.15
C GLY A 1040 -1.09 -28.63 -4.93
N THR A 1041 -1.48 -29.45 -3.96
CA THR A 1041 -2.03 -28.93 -2.73
C THR A 1041 -1.03 -29.08 -1.61
N VAL A 1042 -1.40 -28.57 -0.45
CA VAL A 1042 -0.49 -28.43 0.65
C VAL A 1042 -1.26 -28.66 1.93
N ASN A 1043 -0.75 -29.54 2.78
CA ASN A 1043 -1.24 -29.67 4.15
C ASN A 1043 -0.51 -28.64 5.02
N TYR A 1044 -1.27 -27.83 5.76
CA TYR A 1044 -0.68 -26.73 6.50
C TYR A 1044 0.28 -27.20 7.58
N ARG A 1045 -0.07 -28.25 8.31
CA ARG A 1045 0.79 -28.76 9.36
C ARG A 1045 2.10 -29.25 8.78
N GLU A 1046 2.02 -29.95 7.65
CA GLU A 1046 3.20 -30.47 6.98
C GLU A 1046 4.08 -29.32 6.54
N GLU A 1047 3.46 -28.27 6.02
CA GLU A 1047 4.21 -27.11 5.55
C GLU A 1047 4.94 -26.47 6.72
N LEU A 1048 4.26 -26.38 7.86
CA LEU A 1048 4.85 -25.79 9.06
C LEU A 1048 6.04 -26.62 9.51
N VAL A 1049 5.90 -27.94 9.46
CA VAL A 1049 6.97 -28.83 9.86
C VAL A 1049 8.18 -28.63 8.94
N ALA A 1050 7.92 -28.49 7.65
CA ALA A 1050 8.98 -28.29 6.68
C ALA A 1050 9.70 -26.98 6.98
N MET A 1051 8.94 -25.95 7.31
CA MET A 1051 9.50 -24.64 7.62
C MET A 1051 10.40 -24.75 8.85
N ALA A 1052 9.94 -25.50 9.84
CA ALA A 1052 10.72 -25.70 11.06
C ALA A 1052 12.03 -26.43 10.76
N GLY A 1053 11.96 -27.43 9.91
CA GLY A 1053 13.14 -28.21 9.55
C GLY A 1053 14.21 -27.42 8.84
N ARG A 1054 13.78 -26.54 7.94
CA ARG A 1054 14.68 -25.77 7.06
C ARG A 1054 15.21 -24.50 7.73
N GLU A 1055 14.31 -23.76 8.37
CA GLU A 1055 14.67 -22.73 9.33
C GLU A 1055 14.54 -23.36 10.71
N ASP A 1056 15.48 -23.09 11.61
CA ASP A 1056 15.46 -23.77 12.91
C ASP A 1056 14.57 -23.06 13.92
N LEU A 1057 13.30 -22.91 13.57
CA LEU A 1057 12.38 -22.13 14.39
C LEU A 1057 11.39 -22.95 15.18
N ASP A 1058 10.89 -22.32 16.24
CA ASP A 1058 9.70 -22.76 16.95
C ASP A 1058 8.52 -22.80 15.96
N LEU A 1059 7.67 -23.81 16.10
CA LEU A 1059 6.54 -23.99 15.19
C LEU A 1059 5.66 -22.74 15.13
N ARG A 1060 5.31 -22.20 16.28
CA ARG A 1060 4.42 -21.03 16.27
C ARG A 1060 5.04 -19.78 15.66
N GLN A 1061 6.26 -19.45 16.09
CA GLN A 1061 6.89 -18.20 15.70
C GLN A 1061 7.24 -18.08 14.23
N CYS A 1062 7.85 -19.18 13.72
CA CYS A 1062 8.34 -19.50 12.34
C CYS A 1062 7.31 -19.71 11.23
N ALA A 1063 6.23 -20.41 11.63
CA ALA A 1063 4.90 -20.51 10.98
C ALA A 1063 4.15 -19.16 10.90
N MET A 1064 4.28 -18.35 11.98
CA MET A 1064 4.08 -16.87 11.93
C MET A 1064 5.44 -16.61 11.37
N ARG A 1065 5.91 -15.54 10.86
CA ARG A 1065 7.02 -15.37 9.90
C ARG A 1065 6.53 -15.84 8.53
N TYR A 1066 6.09 -17.10 8.47
CA TYR A 1066 5.86 -17.75 7.19
C TYR A 1066 4.41 -18.08 6.83
N GLY A 1067 3.45 -17.62 7.61
CA GLY A 1067 2.07 -18.06 7.38
C GLY A 1067 1.05 -16.95 7.28
N GLU A 1068 1.51 -15.73 7.00
CA GLU A 1068 0.63 -14.57 6.87
C GLU A 1068 -0.27 -14.66 5.63
N VAL A 1069 -1.49 -14.15 5.76
CA VAL A 1069 -2.36 -13.91 4.62
C VAL A 1069 -3.02 -12.54 4.79
N ARG A 1070 -2.99 -11.75 3.72
CA ARG A 1070 -3.51 -10.38 3.74
C ARG A 1070 -4.98 -10.42 3.38
N LEU A 1071 -5.81 -9.76 4.19
CA LEU A 1071 -7.26 -9.79 4.01
C LEU A 1071 -7.90 -8.47 4.37
N ARG A 1072 -8.75 -7.98 3.47
CA ARG A 1072 -9.60 -6.84 3.75
C ARG A 1072 -10.57 -7.20 4.89
N GLU A 1073 -10.51 -6.40 5.96
CA GLU A 1073 -11.35 -6.59 7.14
C GLU A 1073 -12.81 -6.76 6.79
N ASN A 1074 -13.40 -7.83 7.30
CA ASN A 1074 -14.79 -8.12 7.11
C ASN A 1074 -15.39 -8.60 8.41
N THR A 1075 -16.41 -7.88 8.88
CA THR A 1075 -17.03 -8.09 10.20
C THR A 1075 -17.31 -9.54 10.60
N GLN A 1076 -17.92 -10.32 9.71
CA GLN A 1076 -18.27 -11.70 10.04
C GLN A 1076 -17.18 -12.72 9.76
N GLY A 1077 -16.05 -12.30 9.20
CA GLY A 1077 -14.91 -13.19 9.04
C GLY A 1077 -14.84 -13.94 7.73
N TRP A 1078 -14.26 -15.14 7.77
CA TRP A 1078 -14.01 -15.93 6.57
C TRP A 1078 -14.33 -17.38 6.74
N SER A 1079 -14.57 -18.03 5.61
CA SER A 1079 -14.59 -19.47 5.49
C SER A 1079 -13.22 -19.92 5.03
N TYR A 1080 -12.77 -21.07 5.52
CA TYR A 1080 -11.44 -21.57 5.18
C TYR A 1080 -11.55 -23.03 4.78
N HIS A 1081 -10.90 -23.38 3.68
CA HIS A 1081 -10.81 -24.76 3.22
C HIS A 1081 -9.34 -24.99 2.90
N PRO A 1082 -8.85 -26.19 3.13
CA PRO A 1082 -7.42 -26.41 2.97
C PRO A 1082 -6.98 -26.16 1.54
N TYR A 1083 -7.73 -26.68 0.57
CA TYR A 1083 -7.42 -26.44 -0.83
C TYR A 1083 -7.62 -25.00 -1.30
N LEU A 1084 -8.72 -24.40 -0.87
CA LEU A 1084 -9.18 -23.12 -1.45
C LEU A 1084 -8.72 -21.79 -0.83
N GLY A 1085 -8.16 -21.82 0.38
CA GLY A 1085 -7.78 -20.57 1.03
C GLY A 1085 -8.96 -19.94 1.74
N PHE A 1086 -8.99 -18.61 1.78
CA PHE A 1086 -10.00 -17.87 2.55
C PHE A 1086 -10.99 -17.13 1.66
N LYS A 1087 -12.28 -17.28 1.94
CA LYS A 1087 -13.29 -16.49 1.22
C LYS A 1087 -14.14 -15.70 2.20
N LYS A 1088 -14.56 -14.51 1.77
CA LYS A 1088 -15.37 -13.62 2.58
C LYS A 1088 -16.68 -14.26 3.01
N TYR A 1089 -17.63 -13.42 3.38
CA TYR A 1089 -18.96 -13.88 3.79
C TYR A 1089 -20.09 -13.02 3.23
N ASN A 1090 -21.25 -13.62 3.03
CA ASN A 1090 -22.42 -12.91 2.53
C ASN A 1090 -23.66 -13.79 2.50
N SER B 2 -31.33 5.29 1.15
CA SER B 2 -30.02 5.12 1.78
C SER B 2 -29.13 6.34 1.56
N ASN B 3 -28.19 6.52 2.50
CA ASN B 3 -27.12 7.50 2.39
C ASN B 3 -25.87 6.76 2.85
N THR B 4 -25.26 5.97 1.95
CA THR B 4 -24.23 5.03 2.37
C THR B 4 -22.93 5.73 2.73
N ILE B 5 -22.59 6.83 2.06
CA ILE B 5 -21.33 7.52 2.37
C ILE B 5 -21.39 8.13 3.76
N SER B 6 -22.49 8.81 4.08
CA SER B 6 -22.62 9.35 5.43
C SER B 6 -22.59 8.24 6.47
N ASP B 7 -23.32 7.13 6.24
CA ASP B 7 -23.34 6.05 7.22
C ASP B 7 -21.93 5.53 7.47
N ARG B 8 -21.14 5.35 6.39
CA ARG B 8 -19.81 4.80 6.55
C ARG B 8 -18.94 5.72 7.40
N ILE B 9 -19.01 7.02 7.16
CA ILE B 9 -18.18 7.96 7.89
C ILE B 9 -18.66 8.10 9.33
N VAL B 10 -19.98 8.24 9.53
CA VAL B 10 -20.49 8.33 10.90
C VAL B 10 -20.16 7.07 11.70
N ALA B 11 -20.22 5.91 11.04
CA ALA B 11 -19.96 4.65 11.72
C ALA B 11 -18.50 4.50 12.15
N ARG B 12 -17.60 5.26 11.55
CA ARG B 12 -16.20 5.33 11.99
C ARG B 12 -15.93 6.56 12.84
N SER B 13 -16.98 7.23 13.32
CA SER B 13 -16.84 8.41 14.16
C SER B 13 -17.74 8.33 15.38
N VAL B 14 -17.99 7.13 15.93
CA VAL B 14 -19.08 6.98 16.89
C VAL B 14 -18.78 7.70 18.21
N ILE B 15 -17.52 7.69 18.64
CA ILE B 15 -17.20 8.33 19.93
C ILE B 15 -17.43 9.83 19.85
N GLU B 16 -16.93 10.45 18.77
CA GLU B 16 -17.14 11.87 18.57
C GLU B 16 -18.61 12.20 18.34
N ALA B 17 -19.32 11.33 17.59
CA ALA B 17 -20.74 11.56 17.32
C ALA B 17 -21.55 11.54 18.61
N ALA B 18 -21.31 10.54 19.45
CA ALA B 18 -22.06 10.43 20.69
C ALA B 18 -21.77 11.61 21.60
N ARG B 19 -20.49 11.99 21.69
CA ARG B 19 -20.12 13.15 22.51
C ARG B 19 -20.84 14.41 22.05
N PHE B 20 -20.93 14.61 20.74
CA PHE B 20 -21.62 15.79 20.20
C PHE B 20 -23.11 15.75 20.54
N ILE B 21 -23.78 14.63 20.23
CA ILE B 21 -25.21 14.50 20.50
C ILE B 21 -25.51 14.76 21.97
N GLN B 22 -24.76 14.09 22.86
CA GLN B 22 -25.04 14.20 24.28
C GLN B 22 -24.74 15.60 24.79
N SER B 23 -23.69 16.24 24.26
CA SER B 23 -23.32 17.58 24.70
C SER B 23 -24.36 18.62 24.27
N TRP B 24 -24.93 18.47 23.08
CA TRP B 24 -25.82 19.47 22.50
C TRP B 24 -27.30 19.19 22.79
N GLU B 25 -27.61 18.18 23.61
CA GLU B 25 -29.00 17.84 23.90
C GLU B 25 -29.76 19.03 24.44
N ASP B 26 -29.17 19.76 25.39
CA ASP B 26 -29.81 20.91 25.99
C ASP B 26 -29.37 22.24 25.35
N ALA B 27 -28.43 22.20 24.41
CA ALA B 27 -27.65 23.38 24.07
C ALA B 27 -28.53 24.54 23.60
N ASP B 28 -28.18 25.73 24.07
CA ASP B 28 -28.68 26.97 23.50
C ASP B 28 -27.60 27.47 22.56
N PRO B 29 -27.82 27.42 21.24
CA PRO B 29 -26.76 27.86 20.32
C PRO B 29 -26.33 29.30 20.53
N ASP B 30 -27.16 30.09 21.20
CA ASP B 30 -26.79 31.46 21.44
C ASP B 30 -25.94 31.64 22.63
N SER B 31 -25.79 30.60 23.44
CA SER B 31 -24.88 30.66 24.57
C SER B 31 -24.20 29.31 24.83
N LEU B 32 -23.35 28.90 23.91
CA LEU B 32 -22.72 27.59 24.04
C LEU B 32 -21.67 27.58 25.11
N THR B 33 -21.49 26.46 25.78
CA THR B 33 -20.34 26.30 26.66
C THR B 33 -19.10 25.94 25.85
N GLU B 34 -17.94 26.09 26.48
CA GLU B 34 -16.70 25.66 25.82
C GLU B 34 -16.76 24.20 25.46
N ASP B 35 -17.36 23.37 26.33
CA ASP B 35 -17.41 21.94 26.07
C ASP B 35 -18.34 21.61 24.91
N GLN B 36 -19.42 22.38 24.74
CA GLN B 36 -20.27 22.19 23.58
C GLN B 36 -19.57 22.60 22.29
N VAL B 37 -18.80 23.68 22.33
CA VAL B 37 -18.02 24.06 21.15
C VAL B 37 -17.02 22.97 20.80
N LEU B 38 -16.29 22.48 21.80
CA LEU B 38 -15.28 21.44 21.57
C LEU B 38 -15.91 20.16 21.04
N ALA B 39 -17.08 19.79 21.56
CA ALA B 39 -17.73 18.56 21.09
C ALA B 39 -18.15 18.68 19.64
N ALA B 40 -18.65 19.85 19.25
CA ALA B 40 -19.00 20.07 17.84
C ALA B 40 -17.76 20.07 16.96
N ALA B 41 -16.73 20.85 17.35
CA ALA B 41 -15.53 20.89 16.53
C ALA B 41 -14.87 19.51 16.42
N GLY B 42 -14.90 18.73 17.50
CA GLY B 42 -14.26 17.42 17.47
C GLY B 42 -14.96 16.46 16.54
N PHE B 43 -16.30 16.48 16.54
CA PHE B 43 -17.05 15.64 15.62
C PHE B 43 -16.84 16.09 14.17
N ALA B 44 -16.92 17.40 13.93
CA ALA B 44 -16.71 17.90 12.58
C ALA B 44 -15.32 17.56 12.06
N ALA B 45 -14.30 17.66 12.92
CA ALA B 45 -12.94 17.34 12.48
C ALA B 45 -12.80 15.86 12.11
N ARG B 46 -13.46 14.98 12.87
CA ARG B 46 -13.39 13.55 12.57
C ARG B 46 -14.12 13.24 11.27
N LEU B 47 -15.29 13.84 11.07
CA LEU B 47 -16.00 13.68 9.80
C LEU B 47 -15.16 14.20 8.64
N HIS B 48 -14.54 15.37 8.81
CA HIS B 48 -13.72 15.96 7.77
C HIS B 48 -12.56 15.02 7.40
N GLU B 49 -11.89 14.47 8.41
CA GLU B 49 -10.77 13.57 8.14
C GLU B 49 -11.23 12.35 7.33
N GLY B 50 -12.35 11.76 7.72
CA GLY B 50 -12.83 10.59 7.00
C GLY B 50 -13.30 10.91 5.59
N LEU B 51 -14.00 12.04 5.44
CA LEU B 51 -14.52 12.42 4.12
C LEU B 51 -13.41 12.82 3.17
N GLN B 52 -12.39 13.54 3.68
CA GLN B 52 -11.26 13.90 2.83
C GLN B 52 -10.52 12.65 2.36
N ALA B 53 -10.34 11.68 3.26
CA ALA B 53 -9.69 10.44 2.89
C ALA B 53 -10.48 9.70 1.80
N THR B 54 -11.80 9.59 1.99
CA THR B 54 -12.62 8.92 0.98
C THR B 54 -12.48 9.61 -0.38
N VAL B 55 -12.52 10.93 -0.40
CA VAL B 55 -12.47 11.64 -1.70
C VAL B 55 -11.10 11.49 -2.34
N LEU B 56 -10.03 11.83 -1.61
CA LEU B 56 -8.70 11.80 -2.21
C LEU B 56 -8.29 10.40 -2.64
N GLN B 57 -8.67 9.39 -1.86
CA GLN B 57 -8.29 8.01 -2.16
C GLN B 57 -9.24 7.29 -3.10
N ARG B 58 -10.37 7.92 -3.48
CA ARG B 58 -11.36 7.31 -4.35
C ARG B 58 -11.94 6.02 -3.76
N LEU B 59 -12.38 6.10 -2.50
CA LEU B 59 -12.95 4.94 -1.82
C LEU B 59 -14.43 4.90 -2.19
N VAL B 60 -14.69 4.27 -3.33
CA VAL B 60 -16.00 4.35 -4.00
C VAL B 60 -16.05 3.24 -5.05
N ASP B 61 -17.26 2.80 -5.38
CA ASP B 61 -17.51 1.91 -6.51
C ASP B 61 -18.04 2.75 -7.66
N GLU B 62 -17.19 3.02 -8.68
CA GLU B 62 -17.62 3.86 -9.79
C GLU B 62 -18.75 3.25 -10.62
N SER B 63 -18.98 1.95 -10.51
CA SER B 63 -20.05 1.29 -11.24
C SER B 63 -21.40 1.39 -10.52
N ASN B 64 -21.42 1.81 -9.25
CA ASN B 64 -22.65 1.96 -8.50
C ASN B 64 -23.22 3.34 -8.82
N HIS B 65 -24.29 3.38 -9.62
CA HIS B 65 -24.76 4.65 -10.14
C HIS B 65 -25.04 5.63 -9.01
N GLU B 66 -25.62 5.15 -7.91
CA GLU B 66 -26.01 6.04 -6.81
C GLU B 66 -24.78 6.44 -6.00
N GLU B 67 -23.98 5.46 -5.58
CA GLU B 67 -22.82 5.78 -4.74
C GLU B 67 -21.85 6.68 -5.47
N TYR B 68 -21.64 6.45 -6.77
CA TYR B 68 -20.66 7.25 -7.50
C TYR B 68 -21.11 8.69 -7.66
N ARG B 69 -22.40 8.90 -7.96
CA ARG B 69 -22.90 10.27 -8.04
C ARG B 69 -22.77 10.97 -6.70
N GLU B 70 -23.07 10.25 -5.62
CA GLU B 70 -23.02 10.89 -4.31
C GLU B 70 -21.59 11.16 -3.86
N PHE B 71 -20.67 10.26 -4.23
CA PHE B 71 -19.25 10.52 -4.06
C PHE B 71 -18.83 11.77 -4.82
N LYS B 72 -19.28 11.90 -6.07
CA LYS B 72 -18.88 13.04 -6.90
C LYS B 72 -19.34 14.37 -6.30
N ALA B 73 -20.50 14.38 -5.61
CA ALA B 73 -20.93 15.60 -4.93
C ALA B 73 -19.99 15.97 -3.79
N TRP B 74 -19.52 14.98 -3.02
CA TRP B 74 -18.51 15.26 -2.01
C TRP B 74 -17.21 15.71 -2.65
N GLU B 75 -16.82 15.08 -3.75
CA GLU B 75 -15.60 15.46 -4.44
C GLU B 75 -15.70 16.88 -4.97
N GLU B 76 -16.84 17.22 -5.57
CA GLU B 76 -17.08 18.58 -6.02
C GLU B 76 -16.94 19.58 -4.88
N ALA B 77 -17.52 19.26 -3.72
CA ALA B 77 -17.40 20.16 -2.57
C ALA B 77 -15.94 20.33 -2.17
N LEU B 78 -15.17 19.23 -2.19
CA LEU B 78 -13.76 19.33 -1.83
C LEU B 78 -13.00 20.20 -2.84
N LEU B 79 -13.27 20.03 -4.14
CA LEU B 79 -12.59 20.82 -5.17
C LEU B 79 -12.96 22.29 -5.08
N ASN B 80 -14.14 22.60 -4.53
CA ASN B 80 -14.58 23.97 -4.32
C ASN B 80 -14.05 24.54 -3.01
N ALA B 81 -13.33 23.74 -2.23
CA ALA B 81 -12.64 24.16 -1.01
C ALA B 81 -11.14 24.23 -1.16
N ASP B 82 -10.54 23.31 -1.93
CA ASP B 82 -9.09 23.17 -2.03
C ASP B 82 -8.45 23.97 -3.14
N GLY B 83 -9.22 24.77 -3.89
CA GLY B 83 -8.65 25.61 -4.92
C GLY B 83 -8.65 25.03 -6.32
N ARG B 84 -8.83 23.72 -6.47
CA ARG B 84 -8.81 23.14 -7.81
C ARG B 84 -9.96 23.65 -8.67
N VAL B 85 -11.13 23.85 -8.07
CA VAL B 85 -12.24 24.54 -8.72
C VAL B 85 -12.49 25.89 -8.10
N ALA B 86 -12.53 25.96 -6.76
CA ALA B 86 -12.69 27.22 -6.03
C ALA B 86 -12.04 27.08 -4.67
N SER B 87 -11.88 28.22 -3.98
CA SER B 87 -11.37 28.23 -2.62
C SER B 87 -12.41 28.86 -1.68
N SER B 88 -13.56 28.21 -1.53
CA SER B 88 -14.65 28.75 -0.72
C SER B 88 -15.23 27.65 0.16
N PRO B 89 -14.46 27.18 1.15
CA PRO B 89 -14.90 26.02 1.94
C PRO B 89 -16.16 26.25 2.75
N PHE B 90 -16.54 27.50 3.02
CA PHE B 90 -17.66 27.81 3.90
C PHE B 90 -18.89 28.30 3.14
N ALA B 91 -18.86 28.22 1.81
CA ALA B 91 -20.00 28.67 1.02
C ALA B 91 -21.20 27.77 1.26
N ASP B 92 -22.39 28.30 1.02
CA ASP B 92 -23.60 27.49 1.12
C ASP B 92 -23.46 26.22 0.28
N TRP B 93 -23.80 25.08 0.87
CA TRP B 93 -23.77 23.78 0.21
C TRP B 93 -22.37 23.30 -0.12
N GLY B 94 -21.34 23.97 0.38
CA GLY B 94 -19.97 23.54 0.22
C GLY B 94 -19.55 22.55 1.28
N TRP B 95 -18.23 22.38 1.40
CA TRP B 95 -17.67 21.31 2.22
C TRP B 95 -18.17 21.34 3.67
N TRP B 96 -17.92 22.46 4.37
CA TRP B 96 -18.32 22.52 5.78
C TRP B 96 -19.84 22.54 5.96
N TYR B 97 -20.55 23.16 5.02
CA TYR B 97 -22.01 23.17 5.09
C TYR B 97 -22.55 21.75 5.06
N ARG B 98 -21.98 20.91 4.19
CA ARG B 98 -22.40 19.50 4.11
C ARG B 98 -22.03 18.74 5.37
N ILE B 99 -20.87 19.05 5.96
CA ILE B 99 -20.50 18.44 7.24
C ILE B 99 -21.48 18.84 8.34
N ALA B 100 -21.87 20.12 8.38
CA ALA B 100 -22.90 20.53 9.34
C ALA B 100 -24.20 19.75 9.10
N ASN B 101 -24.53 19.50 7.83
CA ASN B 101 -25.72 18.71 7.55
C ASN B 101 -25.60 17.28 8.06
N VAL B 102 -24.42 16.66 7.92
CA VAL B 102 -24.20 15.32 8.47
C VAL B 102 -24.41 15.33 9.98
N MET B 103 -23.99 16.40 10.66
CA MET B 103 -24.17 16.49 12.11
C MET B 103 -25.65 16.62 12.49
N LEU B 104 -26.41 17.42 11.72
CA LEU B 104 -27.86 17.44 11.91
C LEU B 104 -28.47 16.06 11.68
N ALA B 105 -28.03 15.36 10.61
CA ALA B 105 -28.55 14.03 10.32
C ALA B 105 -28.25 13.07 11.47
N THR B 106 -27.05 13.16 12.03
CA THR B 106 -26.66 12.29 13.12
C THR B 106 -27.63 12.42 14.30
N ALA B 107 -27.99 13.66 14.65
CA ALA B 107 -28.94 13.85 15.74
C ALA B 107 -30.32 13.31 15.38
N SER B 108 -30.78 13.58 14.15
CA SER B 108 -32.07 13.10 13.71
C SER B 108 -32.14 11.57 13.79
N GLN B 109 -31.12 10.90 13.29
CA GLN B 109 -31.20 9.45 13.13
C GLN B 109 -30.83 8.68 14.39
N ASN B 110 -30.24 9.35 15.39
CA ASN B 110 -29.90 8.67 16.63
C ASN B 110 -30.86 8.97 17.76
N VAL B 111 -31.33 10.21 17.90
CA VAL B 111 -32.18 10.59 19.02
C VAL B 111 -33.48 11.26 18.59
N GLY B 112 -33.74 11.35 17.29
CA GLY B 112 -35.02 11.86 16.84
C GLY B 112 -35.21 13.35 16.99
N VAL B 113 -34.13 14.11 17.16
CA VAL B 113 -34.24 15.56 17.30
C VAL B 113 -33.91 16.21 15.97
N THR B 114 -34.66 17.26 15.63
CA THR B 114 -34.55 17.93 14.34
C THR B 114 -34.12 19.36 14.58
N TRP B 115 -32.84 19.62 14.33
CA TRP B 115 -32.31 20.94 14.54
C TRP B 115 -32.42 21.75 13.25
N GLY B 116 -32.44 23.06 13.38
CA GLY B 116 -32.61 23.99 12.29
C GLY B 116 -31.56 25.07 12.15
N SER B 117 -31.96 26.26 11.70
CA SER B 117 -31.00 27.28 11.32
C SER B 117 -30.14 27.74 12.50
N ARG B 118 -30.72 27.81 13.69
CA ARG B 118 -29.94 28.33 14.81
C ARG B 118 -28.75 27.42 15.12
N VAL B 119 -28.99 26.11 15.14
CA VAL B 119 -27.90 25.15 15.36
C VAL B 119 -26.96 25.12 14.17
N HIS B 120 -27.50 25.04 12.95
CA HIS B 120 -26.68 24.91 11.76
C HIS B 120 -25.77 26.13 11.58
N GLY B 121 -26.34 27.33 11.78
CA GLY B 121 -25.54 28.53 11.68
C GLY B 121 -24.48 28.61 12.76
N ARG B 122 -24.79 28.16 13.97
CA ARG B 122 -23.78 28.15 15.03
C ARG B 122 -22.67 27.16 14.70
N LEU B 123 -23.01 25.99 14.14
CA LEU B 123 -21.96 25.07 13.71
C LEU B 123 -21.06 25.74 12.68
N MET B 124 -21.66 26.40 11.68
CA MET B 124 -20.86 27.03 10.64
C MET B 124 -19.96 28.11 11.22
N ALA B 125 -20.42 28.83 12.26
CA ALA B 125 -19.58 29.84 12.90
C ALA B 125 -18.41 29.20 13.63
N ILE B 126 -18.66 28.11 14.35
CA ILE B 126 -17.58 27.36 14.98
C ILE B 126 -16.57 26.90 13.94
N PHE B 127 -17.04 26.38 12.81
CA PHE B 127 -16.12 25.87 11.81
C PHE B 127 -15.27 26.98 11.24
N GLN B 128 -15.87 28.15 11.01
CA GLN B 128 -15.12 29.32 10.56
C GLN B 128 -14.04 29.71 11.56
N ASP B 129 -14.35 29.63 12.86
CA ASP B 129 -13.36 29.99 13.86
C ASP B 129 -12.24 28.97 13.96
N LYS B 130 -12.57 27.68 13.89
CA LYS B 130 -11.63 26.61 14.18
C LYS B 130 -10.84 26.13 12.97
N PHE B 131 -11.45 26.16 11.77
CA PHE B 131 -10.92 25.37 10.66
C PHE B 131 -10.49 26.19 9.45
N LYS B 132 -10.29 27.51 9.59
CA LYS B 132 -9.83 28.31 8.45
C LYS B 132 -8.58 27.73 7.81
N GLN B 133 -7.68 27.13 8.58
CA GLN B 133 -6.43 26.60 8.07
C GLN B 133 -6.54 25.17 7.54
N ARG B 134 -7.72 24.55 7.60
CA ARG B 134 -7.86 23.21 7.04
C ARG B 134 -7.76 23.22 5.52
N TYR B 135 -7.96 24.37 4.89
CA TYR B 135 -7.71 24.57 3.47
C TYR B 135 -6.86 25.81 3.27
N GLU B 136 -6.13 25.84 2.16
CA GLU B 136 -5.31 27.01 1.82
C GLU B 136 -6.21 28.17 1.39
N SER C 2 -16.27 -3.17 2.02
CA SER C 2 -17.36 -2.54 2.74
C SER C 2 -18.21 -3.55 3.49
N ASN C 3 -18.84 -3.06 4.57
CA ASN C 3 -19.85 -3.79 5.31
C ASN C 3 -20.97 -2.78 5.58
N THR C 4 -21.84 -2.59 4.59
CA THR C 4 -22.76 -1.46 4.64
C THR C 4 -23.88 -1.68 5.64
N ILE C 5 -24.33 -2.92 5.83
CA ILE C 5 -25.42 -3.15 6.79
C ILE C 5 -24.94 -2.88 8.21
N SER C 6 -23.76 -3.38 8.57
CA SER C 6 -23.23 -3.07 9.90
C SER C 6 -23.03 -1.57 10.07
N ASP C 7 -22.47 -0.89 9.07
CA ASP C 7 -22.24 0.55 9.22
C ASP C 7 -23.56 1.28 9.46
N ARG C 8 -24.60 0.90 8.73
CA ARG C 8 -25.88 1.61 8.87
C ARG C 8 -26.43 1.43 10.28
N ILE C 9 -26.36 0.22 10.81
CA ILE C 9 -26.90 -0.04 12.15
C ILE C 9 -26.04 0.60 13.22
N VAL C 10 -24.71 0.46 13.13
CA VAL C 10 -23.83 1.10 14.12
C VAL C 10 -24.00 2.61 14.08
N ALA C 11 -24.19 3.18 12.90
CA ALA C 11 -24.33 4.63 12.78
C ALA C 11 -25.61 5.16 13.38
N ARG C 12 -26.62 4.31 13.59
CA ARG C 12 -27.82 4.66 14.32
C ARG C 12 -27.78 4.17 15.77
N SER C 13 -26.60 3.77 16.25
CA SER C 13 -26.45 3.28 17.62
C SER C 13 -25.25 3.94 18.29
N VAL C 14 -24.93 5.21 17.96
CA VAL C 14 -23.62 5.75 18.36
C VAL C 14 -23.52 5.95 19.87
N ILE C 15 -24.61 6.34 20.52
CA ILE C 15 -24.53 6.58 21.97
C ILE C 15 -24.25 5.28 22.71
N GLU C 16 -24.98 4.23 22.34
CA GLU C 16 -24.77 2.93 22.96
C GLU C 16 -23.40 2.36 22.58
N ALA C 17 -22.97 2.56 21.34
CA ALA C 17 -21.67 2.06 20.90
C ALA C 17 -20.54 2.71 21.67
N ALA C 18 -20.59 4.03 21.83
CA ALA C 18 -19.54 4.74 22.54
C ALA C 18 -19.50 4.33 23.99
N ARG C 19 -20.69 4.21 24.62
CA ARG C 19 -20.75 3.77 26.01
C ARG C 19 -20.12 2.39 26.18
N PHE C 20 -20.38 1.48 25.25
CA PHE C 20 -19.80 0.14 25.34
C PHE C 20 -18.28 0.18 25.20
N ILE C 21 -17.79 0.86 24.16
CA ILE C 21 -16.35 0.94 23.92
C ILE C 21 -15.64 1.53 25.13
N GLN C 22 -16.15 2.66 25.64
CA GLN C 22 -15.49 3.34 26.74
C GLN C 22 -15.56 2.52 28.02
N SER C 23 -16.68 1.82 28.23
CA SER C 23 -16.84 1.01 29.44
C SER C 23 -15.91 -0.20 29.44
N TRP C 24 -15.69 -0.80 28.28
CA TRP C 24 -14.93 -2.05 28.17
C TRP C 24 -13.46 -1.83 27.87
N GLU C 25 -12.99 -0.59 27.85
CA GLU C 25 -11.60 -0.30 27.52
C GLU C 25 -10.64 -1.05 28.44
N ASP C 26 -10.92 -1.05 29.73
CA ASP C 26 -10.07 -1.73 30.71
C ASP C 26 -10.59 -3.11 31.08
N ALA C 27 -11.76 -3.50 30.56
CA ALA C 27 -12.53 -4.58 31.17
C ALA C 27 -11.76 -5.88 31.25
N ASP C 28 -11.90 -6.55 32.40
CA ASP C 28 -11.51 -7.95 32.54
C ASP C 28 -12.77 -8.76 32.35
N PRO C 29 -12.94 -9.49 31.24
CA PRO C 29 -14.18 -10.25 31.06
C PRO C 29 -14.45 -11.25 32.16
N ASP C 30 -13.44 -11.62 32.93
CA ASP C 30 -13.64 -12.56 33.99
C ASP C 30 -14.13 -11.94 35.24
N SER C 31 -14.10 -10.61 35.32
CA SER C 31 -14.67 -9.91 36.46
C SER C 31 -15.32 -8.59 36.05
N LEU C 32 -16.41 -8.68 35.33
CA LEU C 32 -17.05 -7.46 34.83
C LEU C 32 -17.77 -6.74 35.92
N THR C 33 -17.83 -5.42 35.85
CA THR C 33 -18.69 -4.65 36.73
C THR C 33 -20.12 -4.68 36.21
N GLU C 34 -21.06 -4.31 37.09
CA GLU C 34 -22.45 -4.19 36.65
C GLU C 34 -22.57 -3.20 35.49
N ASP C 35 -21.80 -2.12 35.55
CA ASP C 35 -21.90 -1.09 34.51
C ASP C 35 -21.35 -1.58 33.19
N GLN C 36 -20.32 -2.43 33.22
CA GLN C 36 -19.82 -3.03 31.99
C GLN C 36 -20.82 -4.00 31.40
N VAL C 37 -21.51 -4.78 32.24
CA VAL C 37 -22.55 -5.68 31.75
C VAL C 37 -23.67 -4.87 31.10
N LEU C 38 -24.12 -3.81 31.78
CA LEU C 38 -25.21 -2.99 31.26
C LEU C 38 -24.82 -2.30 29.96
N ALA C 39 -23.58 -1.83 29.84
CA ALA C 39 -23.15 -1.18 28.62
C ALA C 39 -23.13 -2.15 27.45
N ALA C 40 -22.69 -3.38 27.69
CA ALA C 40 -22.73 -4.40 26.64
C ALA C 40 -24.16 -4.76 26.27
N ALA C 41 -25.00 -5.05 27.26
CA ALA C 41 -26.39 -5.40 26.97
C ALA C 41 -27.11 -4.27 26.25
N GLY C 42 -26.83 -3.01 26.64
CA GLY C 42 -27.53 -1.89 26.03
C GLY C 42 -27.16 -1.72 24.57
N PHE C 43 -25.87 -1.89 24.24
CA PHE C 43 -25.45 -1.81 22.85
C PHE C 43 -26.02 -2.97 22.04
N ALA C 44 -25.95 -4.18 22.59
CA ALA C 44 -26.49 -5.34 21.87
C ALA C 44 -27.99 -5.20 21.63
N ALA C 45 -28.72 -4.67 22.61
CA ALA C 45 -30.16 -4.50 22.43
C ALA C 45 -30.48 -3.50 21.34
N ARG C 46 -29.69 -2.41 21.26
CA ARG C 46 -29.92 -1.41 20.22
C ARG C 46 -29.59 -1.97 18.84
N LEU C 47 -28.48 -2.71 18.72
CA LEU C 47 -28.16 -3.39 17.46
C LEU C 47 -29.26 -4.36 17.07
N HIS C 48 -29.74 -5.15 18.03
CA HIS C 48 -30.79 -6.12 17.78
C HIS C 48 -32.05 -5.44 17.25
N GLU C 49 -32.45 -4.34 17.88
CA GLU C 49 -33.64 -3.62 17.44
C GLU C 49 -33.49 -3.14 16.00
N GLY C 50 -32.34 -2.56 15.67
CA GLY C 50 -32.14 -2.07 14.32
C GLY C 50 -32.06 -3.19 13.29
N LEU C 51 -31.37 -4.29 13.64
CA LEU C 51 -31.21 -5.39 12.70
C LEU C 51 -32.52 -6.13 12.48
N GLN C 52 -33.30 -6.32 13.54
CA GLN C 52 -34.62 -6.96 13.37
C GLN C 52 -35.51 -6.12 12.48
N ALA C 53 -35.49 -4.80 12.68
CA ALA C 53 -36.30 -3.91 11.83
C ALA C 53 -35.87 -4.01 10.37
N THR C 54 -34.56 -3.97 10.10
CA THR C 54 -34.08 -4.09 8.73
C THR C 54 -34.54 -5.40 8.10
N VAL C 55 -34.44 -6.51 8.83
CA VAL C 55 -34.81 -7.80 8.26
C VAL C 55 -36.32 -7.89 8.00
N LEU C 56 -37.12 -7.62 9.05
CA LEU C 56 -38.57 -7.79 8.91
C LEU C 56 -39.14 -6.85 7.86
N GLN C 57 -38.63 -5.62 7.79
CA GLN C 57 -39.15 -4.62 6.87
C GLN C 57 -38.53 -4.68 5.48
N ARG C 58 -37.52 -5.53 5.26
CA ARG C 58 -36.83 -5.65 3.98
C ARG C 58 -36.19 -4.32 3.55
N LEU C 59 -35.42 -3.73 4.46
CA LEU C 59 -34.74 -2.46 4.19
C LEU C 59 -33.43 -2.80 3.49
N VAL C 60 -33.53 -2.97 2.17
CA VAL C 60 -32.46 -3.56 1.37
C VAL C 60 -32.75 -3.25 -0.09
N ASP C 61 -31.69 -3.23 -0.91
CA ASP C 61 -31.82 -3.16 -2.37
C ASP C 61 -31.58 -4.56 -2.92
N GLU C 62 -32.65 -5.25 -3.34
CA GLU C 62 -32.50 -6.62 -3.82
C GLU C 62 -31.68 -6.72 -5.10
N SER C 63 -31.51 -5.62 -5.84
CA SER C 63 -30.70 -5.62 -7.05
C SER C 63 -29.21 -5.44 -6.78
N ASN C 64 -28.83 -5.08 -5.55
CA ASN C 64 -27.42 -4.91 -5.19
C ASN C 64 -26.89 -6.29 -4.80
N HIS C 65 -26.08 -6.89 -5.68
CA HIS C 65 -25.70 -8.28 -5.45
C HIS C 65 -25.07 -8.47 -4.09
N GLU C 66 -24.23 -7.52 -3.66
CA GLU C 66 -23.52 -7.68 -2.40
C GLU C 66 -24.44 -7.41 -1.21
N GLU C 67 -25.16 -6.28 -1.25
CA GLU C 67 -26.03 -5.92 -0.12
C GLU C 67 -27.11 -6.96 0.09
N TYR C 68 -27.68 -7.48 -1.01
CA TYR C 68 -28.78 -8.44 -0.86
C TYR C 68 -28.30 -9.76 -0.28
N ARG C 69 -27.14 -10.25 -0.73
CA ARG C 69 -26.61 -11.48 -0.13
C ARG C 69 -26.32 -11.28 1.35
N GLU C 70 -25.78 -10.11 1.71
CA GLU C 70 -25.43 -9.89 3.10
C GLU C 70 -26.67 -9.69 3.96
N PHE C 71 -27.70 -9.05 3.40
CA PHE C 71 -29.01 -9.00 4.05
C PHE C 71 -29.56 -10.41 4.27
N LYS C 72 -29.46 -11.27 3.26
CA LYS C 72 -30.00 -12.63 3.37
C LYS C 72 -29.32 -13.43 4.48
N ALA C 73 -28.02 -13.18 4.74
CA ALA C 73 -27.36 -13.84 5.85
C ALA C 73 -27.93 -13.39 7.19
N TRP C 74 -28.21 -12.10 7.34
CA TRP C 74 -28.90 -11.63 8.55
C TRP C 74 -30.29 -12.22 8.65
N GLU C 75 -31.00 -12.27 7.52
CA GLU C 75 -32.35 -12.83 7.52
C GLU C 75 -32.32 -14.30 7.89
N GLU C 76 -31.36 -15.06 7.33
CA GLU C 76 -31.19 -16.45 7.69
C GLU C 76 -30.95 -16.60 9.19
N ALA C 77 -30.10 -15.75 9.76
CA ALA C 77 -29.85 -15.83 11.21
C ALA C 77 -31.13 -15.57 11.99
N LEU C 78 -31.94 -14.59 11.55
CA LEU C 78 -33.20 -14.31 12.23
C LEU C 78 -34.14 -15.50 12.15
N LEU C 79 -34.26 -16.13 10.97
CA LEU C 79 -35.15 -17.28 10.80
C LEU C 79 -34.68 -18.47 11.61
N ASN C 80 -33.39 -18.54 11.91
CA ASN C 80 -32.83 -19.60 12.76
C ASN C 80 -32.94 -19.27 14.24
N ALA C 81 -33.47 -18.09 14.56
CA ALA C 81 -33.77 -17.67 15.93
C ALA C 81 -35.26 -17.63 16.23
N ASP C 82 -36.09 -17.25 15.26
CA ASP C 82 -37.51 -17.02 15.48
C ASP C 82 -38.39 -18.24 15.23
N GLY C 83 -37.83 -19.39 14.91
CA GLY C 83 -38.60 -20.60 14.74
C GLY C 83 -39.01 -20.92 13.31
N ARG C 84 -38.96 -19.95 12.40
CA ARG C 84 -39.38 -20.23 11.02
C ARG C 84 -38.47 -21.26 10.36
N VAL C 85 -37.17 -21.22 10.64
CA VAL C 85 -36.25 -22.29 10.24
C VAL C 85 -35.76 -23.07 11.46
N ALA C 86 -35.35 -22.37 12.52
CA ALA C 86 -34.95 -23.01 13.76
C ALA C 86 -35.20 -22.04 14.92
N SER C 87 -35.09 -22.57 16.14
CA SER C 87 -35.22 -21.75 17.34
C SER C 87 -33.94 -21.85 18.17
N SER C 88 -32.82 -21.37 17.61
CA SER C 88 -31.51 -21.47 18.28
C SER C 88 -30.77 -20.15 18.18
N PRO C 89 -31.28 -19.12 18.88
CA PRO C 89 -30.70 -17.78 18.73
C PRO C 89 -29.26 -17.65 19.16
N PHE C 90 -28.75 -18.57 19.98
CA PHE C 90 -27.41 -18.45 20.57
C PHE C 90 -26.42 -19.41 19.95
N ALA C 91 -26.80 -20.10 18.88
CA ALA C 91 -25.90 -21.05 18.24
C ALA C 91 -24.73 -20.31 17.59
N ASP C 92 -23.62 -21.02 17.41
CA ASP C 92 -22.48 -20.43 16.71
C ASP C 92 -22.92 -19.87 15.37
N TRP C 93 -22.49 -18.63 15.08
CA TRP C 93 -22.77 -17.94 13.84
C TRP C 93 -24.24 -17.59 13.65
N GLY C 94 -25.06 -17.72 14.69
CA GLY C 94 -26.44 -17.31 14.66
C GLY C 94 -26.61 -15.85 15.04
N TRP C 95 -27.84 -15.49 15.37
CA TRP C 95 -28.22 -14.09 15.52
C TRP C 95 -27.34 -13.36 16.55
N TRP C 96 -27.32 -13.85 17.80
CA TRP C 96 -26.56 -13.14 18.82
C TRP C 96 -25.05 -13.22 18.59
N TYR C 97 -24.58 -14.35 18.04
CA TYR C 97 -23.16 -14.48 17.73
C TYR C 97 -22.73 -13.40 16.75
N ARG C 98 -23.56 -13.15 15.73
CA ARG C 98 -23.26 -12.10 14.76
C ARG C 98 -23.32 -10.71 15.40
N ILE C 99 -24.24 -10.49 16.33
CA ILE C 99 -24.29 -9.23 17.06
C ILE C 99 -23.01 -9.05 17.90
N ALA C 100 -22.56 -10.11 18.57
CA ALA C 100 -21.29 -10.02 19.28
C ALA C 100 -20.16 -9.67 18.33
N ASN C 101 -20.19 -10.22 17.12
CA ASN C 101 -19.17 -9.88 16.14
C ASN C 101 -19.22 -8.40 15.74
N VAL C 102 -20.43 -7.85 15.58
CA VAL C 102 -20.56 -6.41 15.29
C VAL C 102 -19.95 -5.58 16.42
N MET C 103 -20.11 -6.03 17.67
CA MET C 103 -19.53 -5.31 18.79
C MET C 103 -18.00 -5.37 18.79
N LEU C 104 -17.44 -6.54 18.46
CA LEU C 104 -15.98 -6.62 18.25
C LEU C 104 -15.54 -5.70 17.12
N ALA C 105 -16.30 -5.67 16.01
CA ALA C 105 -15.95 -4.81 14.89
C ALA C 105 -15.98 -3.34 15.30
N THR C 106 -16.98 -2.97 16.09
CA THR C 106 -17.09 -1.58 16.54
C THR C 106 -15.83 -1.15 17.29
N ALA C 107 -15.32 -2.00 18.18
CA ALA C 107 -14.10 -1.65 18.90
C ALA C 107 -12.90 -1.57 17.96
N SER C 108 -12.79 -2.54 17.05
CA SER C 108 -11.68 -2.53 16.09
C SER C 108 -11.69 -1.25 15.26
N GLN C 109 -12.84 -0.87 14.74
CA GLN C 109 -12.87 0.20 13.76
C GLN C 109 -12.93 1.59 14.40
N ASN C 110 -13.19 1.68 15.71
CA ASN C 110 -13.22 2.98 16.37
C ASN C 110 -11.96 3.28 17.17
N VAL C 111 -11.42 2.27 17.88
CA VAL C 111 -10.27 2.50 18.75
C VAL C 111 -9.11 1.57 18.47
N GLY C 112 -9.20 0.72 17.46
CA GLY C 112 -8.07 -0.09 17.07
C GLY C 112 -7.77 -1.25 17.99
N VAL C 113 -8.72 -1.66 18.83
CA VAL C 113 -8.50 -2.76 19.75
C VAL C 113 -9.14 -4.02 19.17
N THR C 114 -8.46 -5.15 19.31
CA THR C 114 -8.87 -6.41 18.72
C THR C 114 -9.15 -7.40 19.84
N TRP C 115 -10.42 -7.61 20.12
CA TRP C 115 -10.81 -8.50 21.17
C TRP C 115 -11.01 -9.90 20.61
N GLY C 116 -10.88 -10.90 21.46
CA GLY C 116 -10.96 -12.30 21.10
C GLY C 116 -11.95 -13.14 21.87
N SER C 117 -11.63 -14.42 22.11
CA SER C 117 -12.60 -15.36 22.65
C SER C 117 -13.08 -14.97 24.04
N ARG C 118 -12.19 -14.40 24.87
CA ARG C 118 -12.61 -14.11 26.24
C ARG C 118 -13.71 -13.06 26.25
N VAL C 119 -13.56 -12.00 25.46
CA VAL C 119 -14.59 -10.97 25.35
C VAL C 119 -15.83 -11.50 24.64
N HIS C 120 -15.63 -12.19 23.52
CA HIS C 120 -16.77 -12.67 22.72
C HIS C 120 -17.60 -13.66 23.52
N GLY C 121 -16.95 -14.59 24.22
CA GLY C 121 -17.68 -15.54 25.04
C GLY C 121 -18.40 -14.88 26.20
N ARG C 122 -17.79 -13.86 26.79
CA ARG C 122 -18.46 -13.14 27.86
C ARG C 122 -19.68 -12.39 27.33
N LEU C 123 -19.57 -11.79 26.15
CA LEU C 123 -20.74 -11.16 25.54
C LEU C 123 -21.86 -12.18 25.34
N MET C 124 -21.51 -13.35 24.80
CA MET C 124 -22.53 -14.37 24.55
C MET C 124 -23.19 -14.82 25.86
N ALA C 125 -22.42 -14.87 26.95
CA ALA C 125 -23.00 -15.23 28.25
C ALA C 125 -23.95 -14.16 28.75
N ILE C 126 -23.57 -12.90 28.62
CA ILE C 126 -24.47 -11.80 28.96
C ILE C 126 -25.76 -11.90 28.14
N PHE C 127 -25.64 -12.17 26.84
CA PHE C 127 -26.83 -12.21 26.00
C PHE C 127 -27.75 -13.35 26.42
N GLN C 128 -27.16 -14.50 26.76
CA GLN C 128 -27.95 -15.62 27.26
C GLN C 128 -28.68 -15.26 28.54
N ASP C 129 -28.04 -14.49 29.43
CA ASP C 129 -28.69 -14.09 30.67
C ASP C 129 -29.80 -13.08 30.44
N LYS C 130 -29.57 -12.11 29.56
CA LYS C 130 -30.46 -10.97 29.42
C LYS C 130 -31.57 -11.17 28.40
N PHE C 131 -31.32 -11.93 27.33
CA PHE C 131 -32.17 -11.86 26.14
C PHE C 131 -32.88 -13.16 25.78
N LYS C 132 -32.95 -14.13 26.69
CA LYS C 132 -33.65 -15.37 26.39
C LYS C 132 -35.07 -15.12 25.87
N GLN C 133 -35.75 -14.09 26.36
CA GLN C 133 -37.13 -13.80 25.98
C GLN C 133 -37.25 -12.96 24.72
N ARG C 134 -36.13 -12.55 24.11
CA ARG C 134 -36.21 -11.79 22.87
C ARG C 134 -36.72 -12.64 21.71
N TYR C 135 -36.64 -13.97 21.83
CA TYR C 135 -37.26 -14.90 20.90
C TYR C 135 -38.06 -15.93 21.67
N GLU C 136 -39.07 -16.49 21.02
CA GLU C 136 -39.88 -17.55 21.63
C GLU C 136 -39.08 -18.84 21.73
#